data_2B9K
#
_entry.id   2B9K
#
_entity_poly.entity_id   1
_entity_poly.type   'polypeptide(L)'
_entity_poly.pdbx_seq_one_letter_code
;AIKLVQSPNGNFAASFVLDGTKWIFKSKYYDSSKGYWVGIYEVWDRK
;
_entity_poly.pdbx_strand_id   A
#
# COMPACT_ATOMS: atom_id res chain seq x y z
N ALA A 1 12.31 3.26 0.20
CA ALA A 1 11.93 3.01 -1.20
C ALA A 1 10.48 2.49 -1.26
N ILE A 2 9.70 3.00 -2.21
CA ILE A 2 8.31 2.56 -2.44
C ILE A 2 8.24 1.07 -2.80
N LYS A 3 7.01 0.54 -2.69
CA LYS A 3 6.56 -0.76 -3.18
C LYS A 3 5.31 -0.51 -4.02
N LEU A 4 4.95 -1.50 -4.84
CA LEU A 4 3.71 -1.53 -5.62
C LEU A 4 2.92 -2.72 -5.08
N VAL A 5 1.62 -2.54 -4.84
CA VAL A 5 0.83 -3.47 -4.05
C VAL A 5 -0.54 -3.62 -4.71
N GLN A 6 -1.14 -4.82 -4.61
CA GLN A 6 -2.45 -5.15 -5.17
C GLN A 6 -3.11 -6.13 -4.21
N SER A 7 -4.33 -5.87 -3.73
CA SER A 7 -5.15 -6.80 -2.96
C SER A 7 -6.59 -6.28 -2.83
N PRO A 8 -7.59 -7.17 -2.67
CA PRO A 8 -8.99 -6.76 -2.64
C PRO A 8 -9.36 -5.99 -1.36
N ASN A 9 -8.63 -6.17 -0.25
CA ASN A 9 -8.98 -5.53 1.03
C ASN A 9 -8.61 -4.04 1.09
N GLY A 10 -7.71 -3.56 0.22
CA GLY A 10 -7.27 -2.17 0.18
C GLY A 10 -6.82 -1.59 1.52
N ASN A 11 -6.28 -2.43 2.40
CA ASN A 11 -5.94 -2.09 3.79
C ASN A 11 -5.07 -0.83 3.88
N PHE A 12 -5.67 0.29 4.31
CA PHE A 12 -4.98 1.56 4.49
C PHE A 12 -4.12 1.49 5.74
N ALA A 13 -2.79 1.37 5.57
CA ALA A 13 -1.85 1.20 6.68
C ALA A 13 -1.39 2.54 7.30
N ALA A 14 -1.70 3.69 6.69
CA ALA A 14 -1.25 5.05 7.01
C ALA A 14 0.27 5.22 7.08
N SER A 15 0.94 4.70 8.10
CA SER A 15 2.38 4.86 8.34
C SER A 15 2.86 3.84 9.39
N PHE A 16 4.17 3.61 9.45
CA PHE A 16 4.82 2.66 10.35
C PHE A 16 6.30 3.04 10.51
N VAL A 17 7.02 2.33 11.37
CA VAL A 17 8.46 2.45 11.55
C VAL A 17 8.99 1.02 11.63
N LEU A 18 10.04 0.71 10.85
CA LEU A 18 10.65 -0.61 10.74
C LEU A 18 12.11 -0.40 10.37
N ASP A 19 13.00 -1.17 11.00
CA ASP A 19 14.45 -1.15 10.80
C ASP A 19 15.03 0.28 10.77
N GLY A 20 14.66 1.07 11.79
CA GLY A 20 15.15 2.43 11.98
C GLY A 20 14.80 3.38 10.84
N THR A 21 13.74 3.07 10.08
CA THR A 21 13.31 3.80 8.90
C THR A 21 11.81 4.04 9.06
N LYS A 22 11.30 5.19 8.59
CA LYS A 22 9.88 5.53 8.63
C LYS A 22 9.25 5.14 7.30
N TRP A 23 7.96 4.81 7.34
CA TRP A 23 7.20 4.22 6.25
C TRP A 23 5.84 4.93 6.23
N ILE A 24 5.28 5.26 5.06
CA ILE A 24 4.12 6.14 4.93
C ILE A 24 3.33 5.87 3.62
N PHE A 25 2.07 6.27 3.59
CA PHE A 25 1.19 6.29 2.41
C PHE A 25 1.79 7.12 1.26
N LYS A 26 1.35 6.83 0.02
CA LYS A 26 1.62 7.67 -1.14
C LYS A 26 0.38 7.74 -2.04
N SER A 27 -0.13 6.63 -2.59
CA SER A 27 -1.32 6.61 -3.44
C SER A 27 -2.01 5.24 -3.39
N LYS A 28 -3.34 5.18 -3.52
CA LYS A 28 -4.07 3.95 -3.87
C LYS A 28 -5.30 4.28 -4.69
N TYR A 29 -5.85 3.29 -5.40
CA TYR A 29 -7.07 3.38 -6.18
C TYR A 29 -7.69 1.98 -6.31
N TYR A 30 -8.96 1.90 -6.67
CA TYR A 30 -9.63 0.63 -6.95
C TYR A 30 -9.53 0.39 -8.46
N ASP A 31 -8.95 -0.75 -8.85
CA ASP A 31 -8.77 -1.12 -10.25
C ASP A 31 -9.95 -1.98 -10.67
N SER A 32 -11.05 -1.33 -11.03
CA SER A 32 -12.32 -1.97 -11.36
C SER A 32 -12.19 -3.03 -12.48
N SER A 33 -11.19 -2.91 -13.35
CA SER A 33 -10.89 -3.90 -14.40
C SER A 33 -10.48 -5.28 -13.83
N LYS A 34 -10.06 -5.34 -12.57
CA LYS A 34 -9.60 -6.56 -11.90
C LYS A 34 -10.33 -6.80 -10.58
N GLY A 35 -11.00 -5.77 -10.03
CA GLY A 35 -11.82 -5.91 -8.84
C GLY A 35 -10.97 -6.03 -7.59
N TYR A 36 -9.88 -5.26 -7.49
CA TYR A 36 -9.07 -5.15 -6.28
C TYR A 36 -8.55 -3.72 -6.13
N TRP A 37 -8.02 -3.37 -4.96
CA TRP A 37 -7.26 -2.14 -4.80
C TRP A 37 -5.85 -2.37 -5.32
N VAL A 38 -5.23 -1.28 -5.78
CA VAL A 38 -3.86 -1.21 -6.26
C VAL A 38 -3.30 0.09 -5.68
N GLY A 39 -2.00 0.16 -5.43
CA GLY A 39 -1.40 1.39 -4.94
C GLY A 39 0.11 1.43 -5.11
N ILE A 40 0.64 2.62 -4.85
CA ILE A 40 2.04 2.95 -4.79
C ILE A 40 2.19 3.38 -3.34
N TYR A 41 3.06 2.73 -2.58
CA TYR A 41 3.05 2.83 -1.14
C TYR A 41 4.48 2.81 -0.64
N GLU A 42 4.73 3.36 0.54
CA GLU A 42 5.98 3.20 1.25
C GLU A 42 5.66 2.71 2.66
N VAL A 43 4.64 1.85 2.83
CA VAL A 43 4.42 1.12 4.07
C VAL A 43 3.66 -0.19 3.83
N TRP A 44 2.58 -0.17 3.03
CA TRP A 44 1.74 -1.34 2.85
C TRP A 44 2.56 -2.45 2.20
N ASP A 45 2.33 -3.70 2.63
CA ASP A 45 3.07 -4.88 2.23
C ASP A 45 2.09 -6.03 1.98
N ARG A 46 0.96 -5.69 1.33
CA ARG A 46 -0.09 -6.60 0.84
C ARG A 46 -1.00 -7.18 1.95
N LYS A 47 -0.60 -7.11 3.21
CA LYS A 47 -1.38 -7.60 4.35
C LYS A 47 -2.73 -6.90 4.35
N ALA A 1 12.13 3.77 0.11
CA ALA A 1 11.86 3.17 -1.21
C ALA A 1 10.42 2.67 -1.26
N ILE A 2 9.63 3.18 -2.23
CA ILE A 2 8.27 2.69 -2.49
C ILE A 2 8.27 1.21 -2.87
N LYS A 3 7.08 0.61 -2.78
CA LYS A 3 6.70 -0.71 -3.24
C LYS A 3 5.45 -0.53 -4.10
N LEU A 4 5.14 -1.52 -4.93
CA LEU A 4 3.91 -1.59 -5.70
C LEU A 4 3.08 -2.69 -5.04
N VAL A 5 1.82 -2.41 -4.75
CA VAL A 5 1.04 -3.20 -3.81
C VAL A 5 -0.38 -3.35 -4.37
N GLN A 6 -1.01 -4.51 -4.17
CA GLN A 6 -2.38 -4.77 -4.59
C GLN A 6 -2.96 -5.91 -3.76
N SER A 7 -4.24 -5.79 -3.38
CA SER A 7 -5.00 -6.80 -2.66
C SER A 7 -6.48 -6.38 -2.65
N PRO A 8 -7.44 -7.33 -2.54
CA PRO A 8 -8.86 -7.01 -2.57
C PRO A 8 -9.31 -6.26 -1.31
N ASN A 9 -8.64 -6.46 -0.17
CA ASN A 9 -9.07 -5.90 1.12
C ASN A 9 -8.95 -4.38 1.19
N GLY A 10 -7.97 -3.79 0.48
CA GLY A 10 -7.68 -2.36 0.56
C GLY A 10 -7.29 -1.94 1.98
N ASN A 11 -6.39 -2.71 2.61
CA ASN A 11 -5.95 -2.51 4.00
C ASN A 11 -5.04 -1.29 4.13
N PHE A 12 -5.61 -0.09 3.99
CA PHE A 12 -4.92 1.17 4.15
C PHE A 12 -4.20 1.21 5.50
N ALA A 13 -2.88 1.40 5.48
CA ALA A 13 -2.01 1.26 6.66
C ALA A 13 -1.57 2.61 7.25
N ALA A 14 -1.82 3.73 6.56
CA ALA A 14 -1.32 5.09 6.80
C ALA A 14 0.21 5.22 6.91
N SER A 15 0.84 4.63 7.93
CA SER A 15 2.28 4.75 8.19
C SER A 15 2.74 3.68 9.18
N PHE A 16 4.04 3.44 9.26
CA PHE A 16 4.69 2.47 10.14
C PHE A 16 6.17 2.88 10.33
N VAL A 17 6.89 2.18 11.19
CA VAL A 17 8.34 2.33 11.37
C VAL A 17 8.89 0.91 11.50
N LEU A 18 9.98 0.61 10.78
CA LEU A 18 10.56 -0.73 10.67
C LEU A 18 12.06 -0.53 10.59
N ASP A 19 12.80 -1.12 11.54
CA ASP A 19 14.26 -1.06 11.66
C ASP A 19 14.79 0.38 11.56
N GLY A 20 14.10 1.32 12.21
CA GLY A 20 14.49 2.72 12.28
C GLY A 20 14.19 3.53 11.01
N THR A 21 13.62 2.92 9.98
CA THR A 21 13.17 3.60 8.77
C THR A 21 11.68 3.87 8.93
N LYS A 22 11.20 5.05 8.55
CA LYS A 22 9.78 5.38 8.55
C LYS A 22 9.17 4.98 7.21
N TRP A 23 7.89 4.63 7.21
CA TRP A 23 7.14 4.08 6.09
C TRP A 23 5.77 4.80 6.10
N ILE A 24 5.22 5.15 4.93
CA ILE A 24 4.06 6.04 4.80
C ILE A 24 3.29 5.80 3.49
N PHE A 25 2.02 6.20 3.45
CA PHE A 25 1.16 6.24 2.27
C PHE A 25 1.74 7.11 1.14
N LYS A 26 1.32 6.85 -0.11
CA LYS A 26 1.56 7.74 -1.24
C LYS A 26 0.30 7.81 -2.11
N SER A 27 -0.17 6.71 -2.69
CA SER A 27 -1.38 6.68 -3.53
C SER A 27 -2.08 5.32 -3.45
N LYS A 28 -3.41 5.29 -3.61
CA LYS A 28 -4.18 4.06 -3.80
C LYS A 28 -5.35 4.34 -4.76
N TYR A 29 -5.86 3.29 -5.40
CA TYR A 29 -7.04 3.33 -6.24
C TYR A 29 -7.64 1.92 -6.31
N TYR A 30 -8.92 1.81 -6.69
CA TYR A 30 -9.55 0.52 -6.94
C TYR A 30 -9.44 0.26 -8.45
N ASP A 31 -8.78 -0.82 -8.83
CA ASP A 31 -8.59 -1.20 -10.23
C ASP A 31 -9.76 -2.08 -10.65
N SER A 32 -10.88 -1.46 -11.00
CA SER A 32 -12.13 -2.13 -11.35
C SER A 32 -11.97 -3.20 -12.44
N SER A 33 -10.98 -3.05 -13.32
CA SER A 33 -10.67 -4.02 -14.37
C SER A 33 -10.21 -5.38 -13.81
N LYS A 34 -9.76 -5.45 -12.56
CA LYS A 34 -9.35 -6.68 -11.88
C LYS A 34 -10.09 -6.88 -10.55
N GLY A 35 -10.77 -5.84 -10.04
CA GLY A 35 -11.64 -5.96 -8.88
C GLY A 35 -10.85 -6.06 -7.59
N TYR A 36 -9.78 -5.26 -7.44
CA TYR A 36 -9.00 -5.17 -6.22
C TYR A 36 -8.42 -3.76 -6.04
N TRP A 37 -7.97 -3.43 -4.84
CA TRP A 37 -7.22 -2.20 -4.61
C TRP A 37 -5.80 -2.39 -5.10
N VAL A 38 -5.19 -1.30 -5.55
CA VAL A 38 -3.81 -1.20 -6.01
C VAL A 38 -3.28 0.12 -5.46
N GLY A 39 -1.97 0.24 -5.26
CA GLY A 39 -1.39 1.49 -4.81
C GLY A 39 0.11 1.58 -5.04
N ILE A 40 0.60 2.81 -4.98
CA ILE A 40 2.01 3.15 -4.91
C ILE A 40 2.17 3.46 -3.43
N TYR A 41 3.03 2.73 -2.72
CA TYR A 41 2.96 2.71 -1.27
C TYR A 41 4.39 2.64 -0.74
N GLU A 42 4.69 3.38 0.31
CA GLU A 42 5.94 3.26 1.04
C GLU A 42 5.61 2.70 2.43
N VAL A 43 4.61 1.81 2.57
CA VAL A 43 4.40 1.02 3.78
C VAL A 43 3.71 -0.31 3.48
N TRP A 44 2.53 -0.29 2.85
CA TRP A 44 1.66 -1.46 2.80
C TRP A 44 2.35 -2.64 2.10
N ASP A 45 1.95 -3.85 2.45
CA ASP A 45 2.63 -5.09 2.07
C ASP A 45 1.60 -6.15 1.64
N ARG A 46 0.47 -5.68 1.11
CA ARG A 46 -0.74 -6.39 0.67
C ARG A 46 -1.45 -7.28 1.71
N LYS A 47 -0.86 -7.50 2.88
CA LYS A 47 -1.51 -8.13 4.02
C LYS A 47 -2.76 -7.33 4.37
N ALA A 1 12.23 3.57 0.15
CA ALA A 1 11.93 2.91 -1.14
C ALA A 1 10.47 2.44 -1.15
N ILE A 2 9.67 2.93 -2.11
CA ILE A 2 8.30 2.49 -2.31
C ILE A 2 8.22 1.00 -2.64
N LYS A 3 7.05 0.43 -2.35
CA LYS A 3 6.56 -0.85 -2.81
C LYS A 3 5.39 -0.55 -3.76
N LEU A 4 5.01 -1.54 -4.56
CA LEU A 4 3.83 -1.49 -5.42
C LEU A 4 3.00 -2.70 -5.02
N VAL A 5 1.70 -2.54 -4.85
CA VAL A 5 0.86 -3.52 -4.18
C VAL A 5 -0.46 -3.65 -4.93
N GLN A 6 -1.06 -4.84 -4.90
CA GLN A 6 -2.40 -5.13 -5.37
C GLN A 6 -3.01 -6.10 -4.35
N SER A 7 -4.19 -5.83 -3.79
CA SER A 7 -4.90 -6.73 -2.88
C SER A 7 -6.37 -6.31 -2.82
N PRO A 8 -7.32 -7.23 -2.56
CA PRO A 8 -8.74 -6.89 -2.53
C PRO A 8 -9.13 -6.01 -1.33
N ASN A 9 -8.40 -6.10 -0.21
CA ASN A 9 -8.74 -5.40 1.03
C ASN A 9 -8.35 -3.91 1.01
N GLY A 10 -7.35 -3.51 0.21
CA GLY A 10 -6.90 -2.13 0.10
C GLY A 10 -6.56 -1.47 1.44
N ASN A 11 -6.07 -2.23 2.44
CA ASN A 11 -5.88 -1.75 3.81
C ASN A 11 -5.04 -0.47 3.85
N PHE A 12 -5.65 0.63 4.29
CA PHE A 12 -4.96 1.90 4.48
C PHE A 12 -4.17 1.83 5.78
N ALA A 13 -2.83 1.89 5.69
CA ALA A 13 -1.95 1.75 6.85
C ALA A 13 -1.48 3.08 7.45
N ALA A 14 -1.71 4.20 6.76
CA ALA A 14 -1.17 5.55 7.01
C ALA A 14 0.36 5.64 7.08
N SER A 15 0.99 5.04 8.10
CA SER A 15 2.43 5.10 8.34
C SER A 15 2.86 4.04 9.36
N PHE A 16 4.15 3.74 9.41
CA PHE A 16 4.75 2.76 10.32
C PHE A 16 6.25 3.08 10.46
N VAL A 17 6.97 2.33 11.30
CA VAL A 17 8.42 2.40 11.45
C VAL A 17 8.90 0.95 11.51
N LEU A 18 9.91 0.61 10.71
CA LEU A 18 10.46 -0.74 10.59
C LEU A 18 11.92 -0.59 10.19
N ASP A 19 12.79 -1.41 10.79
CA ASP A 19 14.23 -1.45 10.56
C ASP A 19 14.87 -0.05 10.54
N GLY A 20 14.58 0.73 11.59
CA GLY A 20 15.14 2.06 11.81
C GLY A 20 14.80 3.06 10.70
N THR A 21 13.71 2.82 9.96
CA THR A 21 13.30 3.60 8.81
C THR A 21 11.80 3.90 8.98
N LYS A 22 11.34 5.08 8.58
CA LYS A 22 9.93 5.45 8.61
C LYS A 22 9.30 5.06 7.26
N TRP A 23 8.01 4.75 7.30
CA TRP A 23 7.24 4.19 6.20
C TRP A 23 5.90 4.93 6.19
N ILE A 24 5.34 5.27 5.02
CA ILE A 24 4.22 6.21 4.87
C ILE A 24 3.41 5.94 3.58
N PHE A 25 2.14 6.35 3.58
CA PHE A 25 1.24 6.37 2.43
C PHE A 25 1.79 7.21 1.27
N LYS A 26 1.36 6.90 0.04
CA LYS A 26 1.57 7.74 -1.14
C LYS A 26 0.28 7.79 -1.96
N SER A 27 -0.23 6.67 -2.50
CA SER A 27 -1.52 6.65 -3.22
C SER A 27 -2.08 5.23 -3.32
N LYS A 28 -3.41 5.12 -3.46
CA LYS A 28 -4.09 3.88 -3.85
C LYS A 28 -5.32 4.21 -4.69
N TYR A 29 -5.83 3.24 -5.45
CA TYR A 29 -7.06 3.33 -6.22
C TYR A 29 -7.67 1.93 -6.34
N TYR A 30 -8.97 1.85 -6.61
CA TYR A 30 -9.64 0.58 -6.86
C TYR A 30 -9.58 0.32 -8.37
N ASP A 31 -8.96 -0.79 -8.77
CA ASP A 31 -8.84 -1.20 -10.16
C ASP A 31 -10.08 -2.01 -10.53
N SER A 32 -11.20 -1.33 -10.75
CA SER A 32 -12.51 -1.92 -11.03
C SER A 32 -12.47 -2.95 -12.18
N SER A 33 -11.54 -2.80 -13.13
CA SER A 33 -11.35 -3.69 -14.26
C SER A 33 -10.90 -5.11 -13.84
N LYS A 34 -10.40 -5.29 -12.61
CA LYS A 34 -9.99 -6.59 -12.08
C LYS A 34 -10.57 -6.85 -10.68
N GLY A 35 -11.06 -5.81 -9.99
CA GLY A 35 -11.85 -5.97 -8.77
C GLY A 35 -10.99 -6.09 -7.52
N TYR A 36 -9.90 -5.33 -7.44
CA TYR A 36 -9.07 -5.22 -6.24
C TYR A 36 -8.46 -3.81 -6.16
N TRP A 37 -7.96 -3.42 -4.99
CA TRP A 37 -7.21 -2.19 -4.85
C TRP A 37 -5.79 -2.40 -5.38
N VAL A 38 -5.18 -1.29 -5.81
CA VAL A 38 -3.82 -1.20 -6.30
C VAL A 38 -3.26 0.08 -5.68
N GLY A 39 -1.95 0.16 -5.43
CA GLY A 39 -1.37 1.38 -4.90
C GLY A 39 0.14 1.45 -5.04
N ILE A 40 0.64 2.66 -4.78
CA ILE A 40 2.04 3.03 -4.70
C ILE A 40 2.17 3.40 -3.23
N TYR A 41 3.02 2.71 -2.49
CA TYR A 41 2.94 2.74 -1.05
C TYR A 41 4.34 2.60 -0.49
N GLU A 42 4.71 3.42 0.49
CA GLU A 42 5.97 3.27 1.20
C GLU A 42 5.65 2.73 2.60
N VAL A 43 4.65 1.85 2.76
CA VAL A 43 4.42 1.11 4.00
C VAL A 43 3.66 -0.20 3.75
N TRP A 44 2.58 -0.17 2.96
CA TRP A 44 1.74 -1.35 2.75
C TRP A 44 2.55 -2.44 2.03
N ASP A 45 2.27 -3.71 2.35
CA ASP A 45 3.12 -4.85 2.00
C ASP A 45 2.26 -6.08 1.71
N ARG A 46 1.23 -5.90 0.88
CA ARG A 46 0.33 -6.96 0.40
C ARG A 46 -0.28 -7.73 1.58
N LYS A 47 -0.89 -6.99 2.51
CA LYS A 47 -1.70 -7.56 3.58
C LYS A 47 -2.76 -8.44 2.93
N ALA A 1 12.32 3.78 -0.05
CA ALA A 1 12.02 3.09 -1.31
C ALA A 1 10.58 2.55 -1.28
N ILE A 2 9.75 2.96 -2.24
CA ILE A 2 8.37 2.49 -2.37
C ILE A 2 8.29 0.97 -2.64
N LYS A 3 7.09 0.44 -2.43
CA LYS A 3 6.59 -0.86 -2.83
C LYS A 3 5.38 -0.59 -3.72
N LEU A 4 4.93 -1.60 -4.45
CA LEU A 4 3.72 -1.57 -5.28
C LEU A 4 2.91 -2.78 -4.85
N VAL A 5 1.59 -2.62 -4.70
CA VAL A 5 0.74 -3.62 -4.06
C VAL A 5 -0.58 -3.71 -4.84
N GLN A 6 -1.18 -4.91 -4.86
CA GLN A 6 -2.48 -5.19 -5.45
C GLN A 6 -3.15 -6.24 -4.58
N SER A 7 -4.27 -5.92 -3.91
CA SER A 7 -4.98 -6.83 -3.03
C SER A 7 -6.46 -6.43 -2.97
N PRO A 8 -7.41 -7.36 -2.78
CA PRO A 8 -8.83 -7.05 -2.80
C PRO A 8 -9.26 -6.19 -1.59
N ASN A 9 -8.56 -6.29 -0.45
CA ASN A 9 -8.98 -5.64 0.79
C ASN A 9 -8.61 -4.16 0.89
N GLY A 10 -7.66 -3.67 0.08
CA GLY A 10 -7.17 -2.29 0.15
C GLY A 10 -6.83 -1.85 1.57
N ASN A 11 -6.12 -2.68 2.34
CA ASN A 11 -5.79 -2.45 3.75
C ASN A 11 -4.85 -1.24 3.92
N PHE A 12 -5.44 -0.04 3.92
CA PHE A 12 -4.75 1.23 4.13
C PHE A 12 -4.04 1.22 5.50
N ALA A 13 -2.73 1.41 5.50
CA ALA A 13 -1.89 1.29 6.70
C ALA A 13 -1.49 2.65 7.31
N ALA A 14 -1.75 3.76 6.61
CA ALA A 14 -1.26 5.12 6.86
C ALA A 14 0.27 5.26 6.97
N SER A 15 0.90 4.66 7.97
CA SER A 15 2.33 4.78 8.24
C SER A 15 2.79 3.71 9.24
N PHE A 16 4.11 3.50 9.32
CA PHE A 16 4.77 2.54 10.20
C PHE A 16 6.24 2.98 10.38
N VAL A 17 7.00 2.25 11.19
CA VAL A 17 8.44 2.44 11.34
C VAL A 17 9.05 1.05 11.54
N LEU A 18 10.18 0.79 10.88
CA LEU A 18 10.84 -0.52 10.86
C LEU A 18 12.34 -0.27 10.72
N ASP A 19 13.13 -0.86 11.62
CA ASP A 19 14.59 -0.84 11.63
C ASP A 19 15.17 0.56 11.38
N GLY A 20 14.61 1.57 12.07
CA GLY A 20 15.10 2.94 12.02
C GLY A 20 14.73 3.69 10.73
N THR A 21 13.81 3.15 9.93
CA THR A 21 13.31 3.76 8.70
C THR A 21 11.80 3.98 8.91
N LYS A 22 11.30 5.18 8.61
CA LYS A 22 9.88 5.47 8.65
C LYS A 22 9.26 5.09 7.30
N TRP A 23 7.98 4.73 7.31
CA TRP A 23 7.24 4.21 6.18
C TRP A 23 5.86 4.92 6.19
N ILE A 24 5.31 5.31 5.03
CA ILE A 24 4.14 6.18 4.91
C ILE A 24 3.37 5.92 3.60
N PHE A 25 2.09 6.28 3.57
CA PHE A 25 1.22 6.30 2.39
C PHE A 25 1.81 7.12 1.24
N LYS A 26 1.40 6.81 -0.01
CA LYS A 26 1.68 7.63 -1.19
C LYS A 26 0.41 7.73 -2.05
N SER A 27 -0.11 6.64 -2.62
CA SER A 27 -1.32 6.65 -3.45
C SER A 27 -2.05 5.30 -3.41
N LYS A 28 -3.37 5.29 -3.58
CA LYS A 28 -4.16 4.08 -3.78
C LYS A 28 -5.33 4.37 -4.72
N TYR A 29 -5.82 3.35 -5.43
CA TYR A 29 -7.03 3.42 -6.25
C TYR A 29 -7.64 2.01 -6.34
N TYR A 30 -8.94 1.92 -6.63
CA TYR A 30 -9.59 0.65 -6.88
C TYR A 30 -9.51 0.39 -8.38
N ASP A 31 -8.88 -0.71 -8.78
CA ASP A 31 -8.70 -1.10 -10.17
C ASP A 31 -9.91 -1.93 -10.59
N SER A 32 -11.03 -1.25 -10.85
CA SER A 32 -12.31 -1.86 -11.20
C SER A 32 -12.21 -2.86 -12.36
N SER A 33 -11.25 -2.66 -13.27
CA SER A 33 -11.01 -3.53 -14.41
C SER A 33 -10.53 -4.94 -14.01
N LYS A 34 -10.03 -5.12 -12.78
CA LYS A 34 -9.59 -6.42 -12.25
C LYS A 34 -10.27 -6.75 -10.91
N GLY A 35 -10.86 -5.76 -10.23
CA GLY A 35 -11.71 -5.99 -9.07
C GLY A 35 -10.90 -6.09 -7.77
N TYR A 36 -9.84 -5.30 -7.62
CA TYR A 36 -9.06 -5.22 -6.39
C TYR A 36 -8.49 -3.80 -6.23
N TRP A 37 -8.05 -3.46 -5.02
CA TRP A 37 -7.31 -2.22 -4.80
C TRP A 37 -5.88 -2.39 -5.31
N VAL A 38 -5.26 -1.27 -5.66
CA VAL A 38 -3.88 -1.15 -6.11
C VAL A 38 -3.33 0.11 -5.42
N GLY A 39 -2.02 0.17 -5.21
CA GLY A 39 -1.41 1.39 -4.69
C GLY A 39 0.09 1.44 -4.92
N ILE A 40 0.61 2.66 -4.83
CA ILE A 40 2.02 2.98 -4.73
C ILE A 40 2.16 3.32 -3.26
N TYR A 41 3.05 2.66 -2.54
CA TYR A 41 3.00 2.68 -1.09
C TYR A 41 4.41 2.62 -0.56
N GLU A 42 4.77 3.50 0.38
CA GLU A 42 6.01 3.39 1.11
C GLU A 42 5.69 2.85 2.51
N VAL A 43 4.73 1.92 2.65
CA VAL A 43 4.54 1.14 3.89
C VAL A 43 3.88 -0.21 3.61
N TRP A 44 2.76 -0.24 2.87
CA TRP A 44 1.97 -1.46 2.73
C TRP A 44 2.77 -2.52 1.97
N ASP A 45 2.57 -3.79 2.36
CA ASP A 45 3.32 -4.95 1.89
C ASP A 45 2.36 -6.15 1.81
N ARG A 46 1.16 -5.90 1.27
CA ARG A 46 -0.01 -6.80 1.28
C ARG A 46 -0.31 -7.45 2.64
N LYS A 47 0.00 -6.74 3.73
CA LYS A 47 -0.53 -7.06 5.05
C LYS A 47 -2.04 -6.98 4.96
N ALA A 1 12.54 2.26 0.02
CA ALA A 1 11.95 2.55 -1.31
C ALA A 1 10.46 2.18 -1.32
N ILE A 2 9.68 2.79 -2.23
CA ILE A 2 8.29 2.41 -2.47
C ILE A 2 8.18 0.94 -2.91
N LYS A 3 7.02 0.35 -2.64
CA LYS A 3 6.54 -0.91 -3.18
C LYS A 3 5.34 -0.58 -4.05
N LEU A 4 4.98 -1.51 -4.94
CA LEU A 4 3.73 -1.49 -5.70
C LEU A 4 2.94 -2.70 -5.21
N VAL A 5 1.63 -2.53 -4.98
CA VAL A 5 0.83 -3.50 -4.24
C VAL A 5 -0.51 -3.66 -4.95
N GLN A 6 -1.09 -4.87 -4.89
CA GLN A 6 -2.42 -5.18 -5.39
C GLN A 6 -3.06 -6.15 -4.40
N SER A 7 -4.25 -5.86 -3.88
CA SER A 7 -4.99 -6.76 -2.99
C SER A 7 -6.43 -6.25 -2.86
N PRO A 8 -7.43 -7.13 -2.71
CA PRO A 8 -8.80 -6.69 -2.41
C PRO A 8 -8.93 -6.07 -1.02
N ASN A 9 -7.95 -6.27 -0.13
CA ASN A 9 -7.99 -5.76 1.24
C ASN A 9 -7.98 -4.23 1.27
N GLY A 10 -7.17 -3.60 0.41
CA GLY A 10 -6.99 -2.15 0.34
C GLY A 10 -6.68 -1.48 1.69
N ASN A 11 -6.06 -2.20 2.63
CA ASN A 11 -5.92 -1.77 4.02
C ASN A 11 -5.05 -0.51 4.12
N PHE A 12 -5.68 0.65 4.36
CA PHE A 12 -4.97 1.91 4.54
C PHE A 12 -4.15 1.85 5.83
N ALA A 13 -2.82 1.78 5.69
CA ALA A 13 -1.90 1.60 6.83
C ALA A 13 -1.44 2.94 7.44
N ALA A 14 -1.69 4.08 6.77
CA ALA A 14 -1.18 5.42 7.04
C ALA A 14 0.36 5.52 7.09
N SER A 15 1.00 4.96 8.12
CA SER A 15 2.44 5.02 8.33
C SER A 15 2.87 3.99 9.37
N PHE A 16 4.18 3.69 9.43
CA PHE A 16 4.79 2.72 10.34
C PHE A 16 6.27 3.06 10.50
N VAL A 17 6.97 2.36 11.39
CA VAL A 17 8.42 2.46 11.58
C VAL A 17 8.92 1.01 11.69
N LEU A 18 9.95 0.67 10.91
CA LEU A 18 10.50 -0.68 10.80
C LEU A 18 11.99 -0.51 10.49
N ASP A 19 12.83 -1.24 11.23
CA ASP A 19 14.30 -1.19 11.18
C ASP A 19 14.85 0.24 11.15
N GLY A 20 14.39 1.06 12.10
CA GLY A 20 14.87 2.42 12.30
C GLY A 20 14.62 3.34 11.12
N THR A 21 13.65 3.00 10.26
CA THR A 21 13.28 3.73 9.06
C THR A 21 11.77 3.97 9.15
N LYS A 22 11.30 5.14 8.68
CA LYS A 22 9.88 5.47 8.66
C LYS A 22 9.29 5.06 7.32
N TRP A 23 8.00 4.75 7.32
CA TRP A 23 7.27 4.16 6.21
C TRP A 23 5.90 4.88 6.17
N ILE A 24 5.35 5.21 4.99
CA ILE A 24 4.22 6.13 4.86
C ILE A 24 3.40 5.87 3.58
N PHE A 25 2.14 6.31 3.56
CA PHE A 25 1.25 6.35 2.40
C PHE A 25 1.86 7.15 1.23
N LYS A 26 1.41 6.84 -0.01
CA LYS A 26 1.66 7.67 -1.19
C LYS A 26 0.39 7.73 -2.04
N SER A 27 -0.11 6.61 -2.58
CA SER A 27 -1.36 6.57 -3.38
C SER A 27 -2.01 5.18 -3.32
N LYS A 28 -3.34 5.12 -3.42
CA LYS A 28 -4.06 3.89 -3.78
C LYS A 28 -5.32 4.23 -4.59
N TYR A 29 -5.86 3.25 -5.32
CA TYR A 29 -7.10 3.33 -6.07
C TYR A 29 -7.69 1.93 -6.20
N TYR A 30 -8.98 1.83 -6.57
CA TYR A 30 -9.63 0.55 -6.83
C TYR A 30 -9.58 0.31 -8.33
N ASP A 31 -8.97 -0.80 -8.75
CA ASP A 31 -8.90 -1.20 -10.15
C ASP A 31 -10.09 -2.06 -10.50
N SER A 32 -11.19 -1.42 -10.88
CA SER A 32 -12.43 -2.06 -11.30
C SER A 32 -12.24 -3.05 -12.46
N SER A 33 -11.11 -2.99 -13.19
CA SER A 33 -10.81 -3.94 -14.28
C SER A 33 -10.62 -5.36 -13.74
N LYS A 34 -10.24 -5.52 -12.47
CA LYS A 34 -9.98 -6.83 -11.85
C LYS A 34 -10.61 -6.96 -10.45
N GLY A 35 -11.09 -5.86 -9.87
CA GLY A 35 -11.88 -5.89 -8.65
C GLY A 35 -11.01 -6.02 -7.41
N TYR A 36 -9.89 -5.29 -7.35
CA TYR A 36 -9.06 -5.18 -6.15
C TYR A 36 -8.46 -3.78 -6.07
N TRP A 37 -7.96 -3.39 -4.90
CA TRP A 37 -7.21 -2.16 -4.75
C TRP A 37 -5.81 -2.37 -5.32
N VAL A 38 -5.20 -1.27 -5.77
CA VAL A 38 -3.85 -1.18 -6.29
C VAL A 38 -3.26 0.09 -5.68
N GLY A 39 -1.95 0.17 -5.49
CA GLY A 39 -1.34 1.38 -4.96
C GLY A 39 0.15 1.45 -5.15
N ILE A 40 0.67 2.64 -4.87
CA ILE A 40 2.07 3.00 -4.81
C ILE A 40 2.22 3.37 -3.34
N TYR A 41 3.07 2.69 -2.60
CA TYR A 41 3.05 2.78 -1.15
C TYR A 41 4.47 2.71 -0.64
N GLU A 42 4.74 3.36 0.49
CA GLU A 42 6.01 3.26 1.19
C GLU A 42 5.74 2.70 2.59
N VAL A 43 4.72 1.83 2.75
CA VAL A 43 4.49 1.07 3.98
C VAL A 43 3.70 -0.22 3.71
N TRP A 44 2.61 -0.15 2.94
CA TRP A 44 1.71 -1.29 2.78
C TRP A 44 2.41 -2.43 2.03
N ASP A 45 2.05 -3.67 2.36
CA ASP A 45 2.63 -4.89 1.80
C ASP A 45 1.57 -6.02 1.79
N ARG A 46 0.30 -5.63 1.58
CA ARG A 46 -0.89 -6.50 1.57
C ARG A 46 -0.94 -7.53 2.71
N LYS A 47 -0.61 -7.05 3.92
CA LYS A 47 -0.75 -7.73 5.21
C LYS A 47 -0.56 -9.25 5.12
N ALA A 1 12.82 2.54 0.00
CA ALA A 1 12.16 2.67 -1.32
C ALA A 1 10.68 2.27 -1.22
N ILE A 2 9.84 2.84 -2.10
CA ILE A 2 8.44 2.44 -2.24
C ILE A 2 8.32 0.95 -2.60
N LYS A 3 7.16 0.39 -2.25
CA LYS A 3 6.64 -0.88 -2.72
C LYS A 3 5.45 -0.57 -3.64
N LEU A 4 5.03 -1.55 -4.40
CA LEU A 4 3.81 -1.51 -5.22
C LEU A 4 2.99 -2.70 -4.76
N VAL A 5 1.67 -2.52 -4.61
CA VAL A 5 0.81 -3.49 -3.95
C VAL A 5 -0.51 -3.58 -4.71
N GLN A 6 -1.15 -4.75 -4.66
CA GLN A 6 -2.49 -4.97 -5.16
C GLN A 6 -3.14 -6.09 -4.33
N SER A 7 -4.27 -5.80 -3.70
CA SER A 7 -5.00 -6.71 -2.82
C SER A 7 -6.48 -6.32 -2.81
N PRO A 8 -7.41 -7.25 -2.59
CA PRO A 8 -8.85 -6.94 -2.64
C PRO A 8 -9.29 -6.01 -1.51
N ASN A 9 -8.59 -5.98 -0.37
CA ASN A 9 -9.02 -5.26 0.83
C ASN A 9 -8.56 -3.79 0.86
N GLY A 10 -7.57 -3.39 0.04
CA GLY A 10 -7.02 -2.05 0.03
C GLY A 10 -6.57 -1.55 1.40
N ASN A 11 -6.03 -2.44 2.26
CA ASN A 11 -5.70 -2.16 3.65
C ASN A 11 -4.80 -0.92 3.81
N PHE A 12 -5.41 0.22 4.15
CA PHE A 12 -4.73 1.49 4.34
C PHE A 12 -4.00 1.46 5.69
N ALA A 13 -2.66 1.57 5.66
CA ALA A 13 -1.82 1.47 6.85
C ALA A 13 -1.45 2.82 7.47
N ALA A 14 -1.70 3.94 6.76
CA ALA A 14 -1.22 5.30 7.01
C ALA A 14 0.31 5.43 7.11
N SER A 15 0.95 4.83 8.11
CA SER A 15 2.39 4.94 8.35
C SER A 15 2.85 3.87 9.36
N PHE A 16 4.16 3.61 9.42
CA PHE A 16 4.80 2.63 10.30
C PHE A 16 6.28 2.98 10.44
N VAL A 17 7.03 2.21 11.22
CA VAL A 17 8.48 2.31 11.35
C VAL A 17 9.00 0.86 11.31
N LEU A 18 10.00 0.60 10.47
CA LEU A 18 10.57 -0.72 10.24
C LEU A 18 12.01 -0.52 9.81
N ASP A 19 12.92 -1.37 10.31
CA ASP A 19 14.35 -1.36 10.01
C ASP A 19 14.97 0.05 10.11
N GLY A 20 14.69 0.72 11.24
CA GLY A 20 15.25 2.02 11.56
C GLY A 20 14.86 3.13 10.58
N THR A 21 13.75 2.95 9.86
CA THR A 21 13.30 3.82 8.78
C THR A 21 11.80 4.06 9.00
N LYS A 22 11.30 5.26 8.69
CA LYS A 22 9.87 5.55 8.73
C LYS A 22 9.26 5.21 7.36
N TRP A 23 8.00 4.81 7.37
CA TRP A 23 7.26 4.29 6.22
C TRP A 23 5.89 4.98 6.24
N ILE A 24 5.33 5.35 5.07
CA ILE A 24 4.15 6.22 4.95
C ILE A 24 3.35 5.92 3.66
N PHE A 25 2.06 6.28 3.66
CA PHE A 25 1.18 6.25 2.49
C PHE A 25 1.72 7.11 1.34
N LYS A 26 1.33 6.75 0.10
CA LYS A 26 1.55 7.59 -1.08
C LYS A 26 0.23 7.66 -1.86
N SER A 27 -0.23 6.59 -2.51
CA SER A 27 -1.48 6.59 -3.29
C SER A 27 -2.10 5.19 -3.36
N LYS A 28 -3.43 5.08 -3.45
CA LYS A 28 -4.11 3.86 -3.84
C LYS A 28 -5.34 4.20 -4.69
N TYR A 29 -5.80 3.24 -5.49
CA TYR A 29 -6.99 3.35 -6.33
C TYR A 29 -7.61 1.95 -6.46
N TYR A 30 -8.92 1.88 -6.71
CA TYR A 30 -9.58 0.62 -6.97
C TYR A 30 -9.51 0.35 -8.47
N ASP A 31 -8.88 -0.74 -8.87
CA ASP A 31 -8.79 -1.17 -10.26
C ASP A 31 -10.05 -1.95 -10.58
N SER A 32 -11.13 -1.24 -10.89
CA SER A 32 -12.43 -1.82 -11.20
C SER A 32 -12.37 -2.84 -12.34
N SER A 33 -11.43 -2.67 -13.27
CA SER A 33 -11.18 -3.57 -14.38
C SER A 33 -10.71 -4.96 -13.93
N LYS A 34 -10.09 -5.08 -12.75
CA LYS A 34 -9.50 -6.33 -12.24
C LYS A 34 -10.15 -6.77 -10.92
N GLY A 35 -10.82 -5.86 -10.22
CA GLY A 35 -11.68 -6.18 -9.08
C GLY A 35 -10.94 -6.14 -7.74
N TYR A 36 -9.89 -5.31 -7.60
CA TYR A 36 -9.13 -5.17 -6.36
C TYR A 36 -8.49 -3.79 -6.28
N TRP A 37 -8.05 -3.40 -5.08
CA TRP A 37 -7.27 -2.18 -4.89
C TRP A 37 -5.85 -2.40 -5.40
N VAL A 38 -5.22 -1.32 -5.83
CA VAL A 38 -3.84 -1.25 -6.28
C VAL A 38 -3.27 0.04 -5.70
N GLY A 39 -1.97 0.13 -5.45
CA GLY A 39 -1.38 1.35 -4.94
C GLY A 39 0.13 1.41 -5.02
N ILE A 40 0.63 2.61 -4.81
CA ILE A 40 2.04 2.97 -4.67
C ILE A 40 2.15 3.29 -3.19
N TYR A 41 3.07 2.66 -2.47
CA TYR A 41 3.02 2.71 -1.03
C TYR A 41 4.43 2.66 -0.48
N GLU A 42 4.76 3.56 0.43
CA GLU A 42 6.01 3.53 1.16
C GLU A 42 5.76 2.92 2.54
N VAL A 43 4.80 1.99 2.69
CA VAL A 43 4.62 1.19 3.91
C VAL A 43 3.93 -0.16 3.64
N TRP A 44 2.82 -0.17 2.90
CA TRP A 44 2.03 -1.38 2.69
C TRP A 44 2.82 -2.40 1.85
N ASP A 45 2.41 -3.67 1.90
CA ASP A 45 3.13 -4.78 1.26
C ASP A 45 2.19 -5.80 0.62
N ARG A 46 1.15 -6.26 1.35
CA ARG A 46 0.05 -7.05 0.76
C ARG A 46 -1.12 -7.19 1.73
N LYS A 47 -0.83 -7.60 2.98
CA LYS A 47 -1.83 -7.95 3.98
C LYS A 47 -2.78 -6.78 4.22
N ALA A 1 12.11 3.30 0.68
CA ALA A 1 11.94 2.82 -0.71
C ALA A 1 10.52 2.28 -0.90
N ILE A 2 9.76 2.88 -1.83
CA ILE A 2 8.40 2.47 -2.18
C ILE A 2 8.32 0.99 -2.61
N LYS A 3 7.09 0.49 -2.64
CA LYS A 3 6.68 -0.82 -3.12
C LYS A 3 5.40 -0.59 -3.93
N LEU A 4 5.04 -1.58 -4.75
CA LEU A 4 3.80 -1.58 -5.53
C LEU A 4 3.02 -2.79 -5.05
N VAL A 5 1.71 -2.61 -4.83
CA VAL A 5 0.89 -3.58 -4.10
C VAL A 5 -0.46 -3.69 -4.83
N GLN A 6 -1.03 -4.89 -4.84
CA GLN A 6 -2.33 -5.21 -5.43
C GLN A 6 -2.96 -6.26 -4.53
N SER A 7 -4.13 -6.00 -3.94
CA SER A 7 -4.91 -6.94 -3.11
C SER A 7 -6.31 -6.38 -2.85
N PRO A 8 -7.32 -7.24 -2.62
CA PRO A 8 -8.71 -6.79 -2.47
C PRO A 8 -8.97 -6.05 -1.15
N ASN A 9 -8.21 -6.33 -0.08
CA ASN A 9 -8.43 -5.71 1.23
C ASN A 9 -8.12 -4.22 1.24
N GLY A 10 -7.18 -3.76 0.41
CA GLY A 10 -6.80 -2.35 0.27
C GLY A 10 -6.54 -1.62 1.59
N ASN A 11 -6.03 -2.30 2.62
CA ASN A 11 -5.96 -1.79 3.98
C ASN A 11 -5.10 -0.52 4.06
N PHE A 12 -5.74 0.63 4.25
CA PHE A 12 -5.04 1.90 4.46
C PHE A 12 -4.27 1.83 5.79
N ALA A 13 -2.94 1.91 5.73
CA ALA A 13 -2.07 1.74 6.89
C ALA A 13 -1.54 3.06 7.46
N ALA A 14 -1.77 4.19 6.77
CA ALA A 14 -1.23 5.53 7.03
C ALA A 14 0.30 5.60 7.09
N SER A 15 0.92 5.04 8.13
CA SER A 15 2.36 5.10 8.37
C SER A 15 2.78 4.06 9.42
N PHE A 16 4.08 3.77 9.48
CA PHE A 16 4.69 2.79 10.38
C PHE A 16 6.20 3.09 10.51
N VAL A 17 6.91 2.32 11.34
CA VAL A 17 8.37 2.39 11.48
C VAL A 17 8.85 0.94 11.53
N LEU A 18 9.85 0.62 10.71
CA LEU A 18 10.40 -0.73 10.54
C LEU A 18 11.83 -0.58 10.05
N ASP A 19 12.72 -1.45 10.51
CA ASP A 19 14.15 -1.49 10.16
C ASP A 19 14.81 -0.11 10.24
N GLY A 20 14.55 0.60 11.34
CA GLY A 20 15.14 1.91 11.63
C GLY A 20 14.76 2.99 10.61
N THR A 21 13.65 2.81 9.90
CA THR A 21 13.22 3.65 8.79
C THR A 21 11.73 3.94 9.00
N LYS A 22 11.26 5.13 8.58
CA LYS A 22 9.84 5.48 8.61
C LYS A 22 9.20 5.06 7.29
N TRP A 23 7.91 4.74 7.34
CA TRP A 23 7.13 4.16 6.26
C TRP A 23 5.79 4.93 6.25
N ILE A 24 5.24 5.26 5.07
CA ILE A 24 4.12 6.19 4.91
C ILE A 24 3.33 5.90 3.61
N PHE A 25 2.07 6.33 3.57
CA PHE A 25 1.20 6.33 2.39
C PHE A 25 1.79 7.17 1.23
N LYS A 26 1.39 6.86 -0.01
CA LYS A 26 1.64 7.70 -1.18
C LYS A 26 0.37 7.77 -2.04
N SER A 27 -0.08 6.67 -2.68
CA SER A 27 -1.28 6.66 -3.53
C SER A 27 -1.95 5.28 -3.54
N LYS A 28 -3.28 5.21 -3.61
CA LYS A 28 -4.04 3.97 -3.77
C LYS A 28 -5.32 4.26 -4.54
N TYR A 29 -5.83 3.26 -5.27
CA TYR A 29 -7.07 3.34 -6.03
C TYR A 29 -7.66 1.94 -6.16
N TYR A 30 -8.96 1.85 -6.43
CA TYR A 30 -9.63 0.58 -6.70
C TYR A 30 -9.59 0.38 -8.22
N ASP A 31 -8.95 -0.70 -8.66
CA ASP A 31 -8.85 -1.07 -10.06
C ASP A 31 -10.06 -1.92 -10.43
N SER A 32 -11.19 -1.26 -10.69
CA SER A 32 -12.48 -1.90 -10.97
C SER A 32 -12.42 -2.93 -12.11
N SER A 33 -11.47 -2.80 -13.04
CA SER A 33 -11.25 -3.74 -14.13
C SER A 33 -10.84 -5.14 -13.65
N LYS A 34 -10.32 -5.26 -12.42
CA LYS A 34 -9.93 -6.53 -11.80
C LYS A 34 -10.58 -6.71 -10.42
N GLY A 35 -11.17 -5.66 -9.85
CA GLY A 35 -11.95 -5.75 -8.63
C GLY A 35 -11.07 -5.92 -7.40
N TYR A 36 -9.97 -5.17 -7.33
CA TYR A 36 -9.10 -5.13 -6.15
C TYR A 36 -8.48 -3.74 -6.01
N TRP A 37 -7.89 -3.43 -4.85
CA TRP A 37 -7.14 -2.20 -4.69
C TRP A 37 -5.73 -2.40 -5.28
N VAL A 38 -5.16 -1.29 -5.73
CA VAL A 38 -3.80 -1.19 -6.25
C VAL A 38 -3.23 0.09 -5.64
N GLY A 39 -1.91 0.17 -5.43
CA GLY A 39 -1.31 1.40 -4.94
C GLY A 39 0.20 1.44 -5.10
N ILE A 40 0.72 2.66 -4.92
CA ILE A 40 2.12 2.98 -4.79
C ILE A 40 2.21 3.33 -3.30
N TYR A 41 3.03 2.63 -2.55
CA TYR A 41 3.01 2.71 -1.11
C TYR A 41 4.43 2.68 -0.60
N GLU A 42 4.64 3.23 0.60
CA GLU A 42 5.88 3.07 1.33
C GLU A 42 5.49 2.60 2.74
N VAL A 43 4.45 1.77 2.89
CA VAL A 43 4.16 1.08 4.17
C VAL A 43 3.35 -0.19 3.95
N TRP A 44 2.29 -0.17 3.13
CA TRP A 44 1.41 -1.33 2.96
C TRP A 44 2.21 -2.50 2.38
N ASP A 45 1.91 -3.71 2.83
CA ASP A 45 2.63 -4.94 2.48
C ASP A 45 1.57 -6.03 2.27
N ARG A 46 0.62 -5.73 1.39
CA ARG A 46 -0.63 -6.44 1.09
C ARG A 46 -1.54 -6.78 2.28
N LYS A 47 -1.15 -6.42 3.51
CA LYS A 47 -1.96 -6.43 4.71
C LYS A 47 -1.54 -5.18 5.47
N ALA A 1 12.70 2.01 -1.93
CA ALA A 1 11.86 2.51 -0.83
C ALA A 1 10.39 2.11 -1.02
N ILE A 2 9.66 2.74 -1.95
CA ILE A 2 8.28 2.36 -2.27
C ILE A 2 8.19 0.89 -2.73
N LYS A 3 7.00 0.33 -2.56
CA LYS A 3 6.54 -0.93 -3.13
C LYS A 3 5.39 -0.58 -4.04
N LEU A 4 5.08 -1.48 -4.98
CA LEU A 4 3.88 -1.44 -5.81
C LEU A 4 3.08 -2.65 -5.39
N VAL A 5 1.80 -2.45 -5.05
CA VAL A 5 1.04 -3.41 -4.27
C VAL A 5 -0.37 -3.48 -4.85
N GLN A 6 -0.99 -4.67 -4.77
CA GLN A 6 -2.40 -4.87 -5.05
C GLN A 6 -2.91 -6.02 -4.18
N SER A 7 -4.17 -5.96 -3.78
CA SER A 7 -4.94 -7.02 -3.09
C SER A 7 -6.35 -6.48 -2.82
N PRO A 8 -7.37 -7.33 -2.67
CA PRO A 8 -8.76 -6.88 -2.49
C PRO A 8 -9.00 -6.20 -1.13
N ASN A 9 -8.20 -6.51 -0.11
CA ASN A 9 -8.38 -5.95 1.23
C ASN A 9 -8.12 -4.45 1.31
N GLY A 10 -7.23 -3.91 0.45
CA GLY A 10 -6.87 -2.49 0.43
C GLY A 10 -6.58 -1.89 1.81
N ASN A 11 -5.89 -2.62 2.69
CA ASN A 11 -5.61 -2.24 4.08
C ASN A 11 -4.81 -0.93 4.14
N PHE A 12 -5.49 0.21 4.23
CA PHE A 12 -4.88 1.51 4.41
C PHE A 12 -4.14 1.54 5.75
N ALA A 13 -2.81 1.62 5.71
CA ALA A 13 -1.96 1.54 6.90
C ALA A 13 -1.55 2.91 7.45
N ALA A 14 -1.77 4.00 6.68
CA ALA A 14 -1.29 5.36 6.88
C ALA A 14 0.25 5.49 6.99
N SER A 15 0.87 4.91 8.01
CA SER A 15 2.30 4.99 8.28
C SER A 15 2.73 3.93 9.29
N PHE A 16 4.04 3.65 9.36
CA PHE A 16 4.65 2.69 10.27
C PHE A 16 6.13 3.05 10.43
N VAL A 17 6.87 2.30 11.26
CA VAL A 17 8.31 2.43 11.42
C VAL A 17 8.87 1.02 11.64
N LEU A 18 9.97 0.70 10.97
CA LEU A 18 10.57 -0.64 10.95
C LEU A 18 12.06 -0.46 10.73
N ASP A 19 12.86 -1.13 11.55
CA ASP A 19 14.33 -1.17 11.49
C ASP A 19 14.97 0.22 11.25
N GLY A 20 14.51 1.21 12.02
CA GLY A 20 15.05 2.56 12.01
C GLY A 20 14.70 3.35 10.75
N THR A 21 13.69 2.92 9.99
CA THR A 21 13.22 3.55 8.76
C THR A 21 11.72 3.82 8.95
N LYS A 22 11.25 5.00 8.56
CA LYS A 22 9.82 5.35 8.60
C LYS A 22 9.19 4.95 7.26
N TRP A 23 7.89 4.65 7.29
CA TRP A 23 7.13 4.09 6.18
C TRP A 23 5.78 4.85 6.17
N ILE A 24 5.24 5.19 4.98
CA ILE A 24 4.12 6.14 4.85
C ILE A 24 3.31 5.87 3.56
N PHE A 25 2.06 6.36 3.51
CA PHE A 25 1.20 6.38 2.33
C PHE A 25 1.83 7.16 1.16
N LYS A 26 1.39 6.87 -0.07
CA LYS A 26 1.70 7.68 -1.26
C LYS A 26 0.45 7.77 -2.15
N SER A 27 -0.05 6.66 -2.72
CA SER A 27 -1.25 6.65 -3.56
C SER A 27 -1.97 5.29 -3.47
N LYS A 28 -3.30 5.27 -3.63
CA LYS A 28 -4.09 4.05 -3.81
C LYS A 28 -5.28 4.33 -4.71
N TYR A 29 -5.81 3.30 -5.36
CA TYR A 29 -7.06 3.34 -6.12
C TYR A 29 -7.66 1.94 -6.19
N TYR A 30 -8.96 1.83 -6.49
CA TYR A 30 -9.60 0.55 -6.72
C TYR A 30 -9.58 0.30 -8.23
N ASP A 31 -8.95 -0.79 -8.67
CA ASP A 31 -8.87 -1.15 -10.08
C ASP A 31 -10.08 -2.00 -10.45
N SER A 32 -11.18 -1.34 -10.80
CA SER A 32 -12.42 -1.97 -11.24
C SER A 32 -12.23 -2.92 -12.43
N SER A 33 -11.10 -2.85 -13.16
CA SER A 33 -10.78 -3.77 -14.24
C SER A 33 -10.59 -5.22 -13.75
N LYS A 34 -10.28 -5.42 -12.45
CA LYS A 34 -10.08 -6.75 -11.86
C LYS A 34 -10.70 -6.87 -10.47
N GLY A 35 -11.12 -5.77 -9.84
CA GLY A 35 -11.89 -5.80 -8.61
C GLY A 35 -10.99 -5.98 -7.38
N TYR A 36 -9.89 -5.23 -7.30
CA TYR A 36 -9.03 -5.18 -6.12
C TYR A 36 -8.46 -3.77 -5.96
N TRP A 37 -7.94 -3.44 -4.78
CA TRP A 37 -7.19 -2.21 -4.59
C TRP A 37 -5.79 -2.40 -5.17
N VAL A 38 -5.19 -1.29 -5.58
CA VAL A 38 -3.84 -1.17 -6.11
C VAL A 38 -3.27 0.11 -5.49
N GLY A 39 -1.95 0.21 -5.33
CA GLY A 39 -1.34 1.44 -4.87
C GLY A 39 0.17 1.49 -5.10
N ILE A 40 0.68 2.70 -4.96
CA ILE A 40 2.09 3.02 -4.86
C ILE A 40 2.22 3.35 -3.38
N TYR A 41 3.05 2.63 -2.63
CA TYR A 41 2.97 2.68 -1.19
C TYR A 41 4.36 2.59 -0.62
N GLU A 42 4.65 3.36 0.42
CA GLU A 42 5.89 3.27 1.17
C GLU A 42 5.56 2.67 2.56
N VAL A 43 4.53 1.82 2.69
CA VAL A 43 4.27 1.07 3.92
C VAL A 43 3.48 -0.23 3.68
N TRP A 44 2.42 -0.22 2.85
CA TRP A 44 1.57 -1.41 2.69
C TRP A 44 2.39 -2.57 2.12
N ASP A 45 2.04 -3.78 2.54
CA ASP A 45 2.77 -5.02 2.25
C ASP A 45 1.75 -6.13 1.96
N ARG A 46 0.77 -5.79 1.11
CA ARG A 46 -0.44 -6.53 0.71
C ARG A 46 -1.39 -6.99 1.82
N LYS A 47 -0.99 -6.94 3.10
CA LYS A 47 -1.74 -7.49 4.23
C LYS A 47 -2.19 -8.90 3.84
N ALA A 1 12.25 3.69 0.05
CA ALA A 1 12.01 2.97 -1.22
C ALA A 1 10.58 2.43 -1.23
N ILE A 2 9.76 2.85 -2.22
CA ILE A 2 8.39 2.38 -2.38
C ILE A 2 8.34 0.87 -2.67
N LYS A 3 7.22 0.27 -2.27
CA LYS A 3 6.69 -0.99 -2.78
C LYS A 3 5.61 -0.64 -3.81
N LEU A 4 5.19 -1.64 -4.59
CA LEU A 4 4.02 -1.57 -5.46
C LEU A 4 3.13 -2.71 -4.96
N VAL A 5 1.84 -2.43 -4.78
CA VAL A 5 0.98 -3.29 -3.98
C VAL A 5 -0.39 -3.42 -4.67
N GLN A 6 -1.02 -4.58 -4.53
CA GLN A 6 -2.40 -4.83 -4.91
C GLN A 6 -2.92 -5.99 -4.08
N SER A 7 -4.18 -5.92 -3.64
CA SER A 7 -4.93 -6.96 -2.93
C SER A 7 -6.39 -6.50 -2.79
N PRO A 8 -7.37 -7.40 -2.67
CA PRO A 8 -8.78 -7.02 -2.61
C PRO A 8 -9.14 -6.30 -1.30
N ASN A 9 -8.41 -6.54 -0.21
CA ASN A 9 -8.74 -6.00 1.11
C ASN A 9 -8.53 -4.48 1.19
N GLY A 10 -7.59 -3.92 0.40
CA GLY A 10 -7.24 -2.50 0.45
C GLY A 10 -6.90 -2.05 1.87
N ASN A 11 -6.03 -2.80 2.56
CA ASN A 11 -5.66 -2.58 3.95
C ASN A 11 -4.77 -1.33 4.10
N PHE A 12 -5.38 -0.15 3.96
CA PHE A 12 -4.75 1.14 4.14
C PHE A 12 -4.06 1.20 5.51
N ALA A 13 -2.74 1.41 5.51
CA ALA A 13 -1.90 1.31 6.72
C ALA A 13 -1.51 2.68 7.31
N ALA A 14 -1.81 3.78 6.61
CA ALA A 14 -1.36 5.16 6.85
C ALA A 14 0.17 5.32 6.96
N SER A 15 0.81 4.83 8.03
CA SER A 15 2.25 4.89 8.22
C SER A 15 2.70 3.84 9.25
N PHE A 16 4.01 3.55 9.30
CA PHE A 16 4.62 2.56 10.19
C PHE A 16 6.11 2.91 10.36
N VAL A 17 6.85 2.11 11.14
CA VAL A 17 8.29 2.20 11.31
C VAL A 17 8.81 0.76 11.25
N LEU A 18 9.84 0.52 10.43
CA LEU A 18 10.42 -0.80 10.21
C LEU A 18 11.87 -0.57 9.78
N ASP A 19 12.77 -1.46 10.19
CA ASP A 19 14.21 -1.43 9.90
C ASP A 19 14.81 -0.02 10.11
N GLY A 20 14.47 0.60 11.25
CA GLY A 20 14.98 1.89 11.67
C GLY A 20 14.63 3.04 10.70
N THR A 21 13.56 2.89 9.93
CA THR A 21 13.16 3.80 8.85
C THR A 21 11.66 4.07 9.01
N LYS A 22 11.21 5.28 8.65
CA LYS A 22 9.78 5.63 8.62
C LYS A 22 9.19 5.14 7.29
N TRP A 23 7.92 4.72 7.32
CA TRP A 23 7.19 4.17 6.19
C TRP A 23 5.83 4.88 6.16
N ILE A 24 5.28 5.25 5.00
CA ILE A 24 4.11 6.13 4.86
C ILE A 24 3.36 5.87 3.54
N PHE A 25 2.08 6.26 3.50
CA PHE A 25 1.22 6.27 2.31
C PHE A 25 1.82 7.11 1.16
N LYS A 26 1.40 6.81 -0.08
CA LYS A 26 1.70 7.65 -1.25
C LYS A 26 0.44 7.75 -2.13
N SER A 27 -0.08 6.64 -2.69
CA SER A 27 -1.29 6.63 -3.52
C SER A 27 -2.01 5.28 -3.43
N LYS A 28 -3.35 5.27 -3.59
CA LYS A 28 -4.13 4.05 -3.79
C LYS A 28 -5.29 4.34 -4.73
N TYR A 29 -5.82 3.30 -5.38
CA TYR A 29 -7.05 3.35 -6.17
C TYR A 29 -7.64 1.94 -6.24
N TYR A 30 -8.93 1.83 -6.55
CA TYR A 30 -9.58 0.55 -6.80
C TYR A 30 -9.52 0.30 -8.31
N ASP A 31 -8.81 -0.74 -8.73
CA ASP A 31 -8.73 -1.13 -10.13
C ASP A 31 -9.93 -2.00 -10.47
N SER A 32 -11.03 -1.38 -10.85
CA SER A 32 -12.26 -2.03 -11.27
C SER A 32 -12.06 -2.97 -12.48
N SER A 33 -10.93 -2.88 -13.20
CA SER A 33 -10.59 -3.81 -14.28
C SER A 33 -10.37 -5.23 -13.76
N LYS A 34 -9.99 -5.38 -12.47
CA LYS A 34 -9.70 -6.66 -11.83
C LYS A 34 -10.45 -6.83 -10.50
N GLY A 35 -11.04 -5.75 -9.96
CA GLY A 35 -11.87 -5.81 -8.77
C GLY A 35 -11.03 -5.93 -7.51
N TYR A 36 -9.93 -5.18 -7.41
CA TYR A 36 -9.09 -5.13 -6.21
C TYR A 36 -8.49 -3.74 -6.02
N TRP A 37 -7.99 -3.45 -4.82
CA TRP A 37 -7.23 -2.22 -4.59
C TRP A 37 -5.81 -2.41 -5.11
N VAL A 38 -5.21 -1.31 -5.54
CA VAL A 38 -3.86 -1.20 -6.07
C VAL A 38 -3.29 0.10 -5.49
N GLY A 39 -1.97 0.21 -5.33
CA GLY A 39 -1.37 1.44 -4.85
C GLY A 39 0.14 1.50 -5.06
N ILE A 40 0.64 2.73 -4.95
CA ILE A 40 2.05 3.06 -4.88
C ILE A 40 2.22 3.38 -3.39
N TYR A 41 3.12 2.72 -2.70
CA TYR A 41 3.08 2.73 -1.25
C TYR A 41 4.49 2.71 -0.70
N GLU A 42 4.76 3.43 0.38
CA GLU A 42 6.02 3.31 1.10
C GLU A 42 5.68 2.78 2.50
N VAL A 43 4.69 1.88 2.63
CA VAL A 43 4.47 1.11 3.87
C VAL A 43 3.77 -0.22 3.60
N TRP A 44 2.66 -0.24 2.84
CA TRP A 44 1.86 -1.45 2.71
C TRP A 44 2.62 -2.54 1.95
N ASP A 45 2.26 -3.80 2.19
CA ASP A 45 2.97 -4.99 1.70
C ASP A 45 1.99 -6.15 1.51
N ARG A 46 0.76 -5.86 1.05
CA ARG A 46 -0.35 -6.80 0.75
C ARG A 46 -1.06 -7.28 2.02
N LYS A 47 -0.31 -7.43 3.12
CA LYS A 47 -0.76 -7.89 4.42
C LYS A 47 -2.02 -7.15 4.86
N ALA A 1 12.67 2.43 0.09
CA ALA A 1 12.03 2.61 -1.24
C ALA A 1 10.54 2.24 -1.18
N ILE A 2 9.73 2.82 -2.07
CA ILE A 2 8.33 2.43 -2.25
C ILE A 2 8.22 0.96 -2.67
N LYS A 3 7.04 0.40 -2.41
CA LYS A 3 6.55 -0.88 -2.91
C LYS A 3 5.35 -0.57 -3.80
N LEU A 4 4.96 -1.52 -4.64
CA LEU A 4 3.74 -1.48 -5.43
C LEU A 4 2.92 -2.67 -4.96
N VAL A 5 1.61 -2.48 -4.76
CA VAL A 5 0.80 -3.41 -3.98
C VAL A 5 -0.55 -3.58 -4.69
N GLN A 6 -1.12 -4.78 -4.59
CA GLN A 6 -2.40 -5.15 -5.18
C GLN A 6 -3.06 -6.14 -4.21
N SER A 7 -4.25 -5.85 -3.67
CA SER A 7 -5.02 -6.78 -2.84
C SER A 7 -6.49 -6.36 -2.84
N PRO A 8 -7.46 -7.28 -2.68
CA PRO A 8 -8.88 -6.94 -2.71
C PRO A 8 -9.32 -6.10 -1.51
N ASN A 9 -8.64 -6.21 -0.37
CA ASN A 9 -9.04 -5.53 0.86
C ASN A 9 -8.60 -4.07 0.94
N GLY A 10 -7.64 -3.64 0.11
CA GLY A 10 -7.10 -2.29 0.12
C GLY A 10 -6.65 -1.81 1.51
N ASN A 11 -6.13 -2.70 2.36
CA ASN A 11 -5.80 -2.43 3.76
C ASN A 11 -4.90 -1.19 3.93
N PHE A 12 -5.50 -0.06 4.28
CA PHE A 12 -4.81 1.21 4.48
C PHE A 12 -4.03 1.17 5.80
N ALA A 13 -2.71 1.28 5.72
CA ALA A 13 -1.82 1.19 6.89
C ALA A 13 -1.45 2.56 7.50
N ALA A 14 -1.75 3.66 6.79
CA ALA A 14 -1.28 5.03 7.01
C ALA A 14 0.25 5.16 7.08
N SER A 15 0.91 4.62 8.10
CA SER A 15 2.34 4.78 8.33
C SER A 15 2.84 3.73 9.33
N PHE A 16 4.15 3.52 9.38
CA PHE A 16 4.81 2.55 10.27
C PHE A 16 6.29 2.95 10.43
N VAL A 17 7.05 2.23 11.25
CA VAL A 17 8.49 2.38 11.39
C VAL A 17 9.04 0.95 11.46
N LEU A 18 10.08 0.66 10.69
CA LEU A 18 10.70 -0.65 10.58
C LEU A 18 12.18 -0.42 10.27
N ASP A 19 13.05 -1.15 10.96
CA ASP A 19 14.51 -1.14 10.81
C ASP A 19 15.08 0.28 10.73
N GLY A 20 14.68 1.13 11.68
CA GLY A 20 15.19 2.49 11.83
C GLY A 20 14.80 3.41 10.67
N THR A 21 13.75 3.06 9.91
CA THR A 21 13.28 3.78 8.74
C THR A 21 11.78 4.02 8.94
N LYS A 22 11.28 5.21 8.60
CA LYS A 22 9.84 5.51 8.64
C LYS A 22 9.22 5.12 7.29
N TRP A 23 7.94 4.77 7.32
CA TRP A 23 7.19 4.22 6.21
C TRP A 23 5.82 4.94 6.21
N ILE A 24 5.26 5.29 5.05
CA ILE A 24 4.16 6.26 4.89
C ILE A 24 3.31 5.95 3.63
N PHE A 25 2.05 6.36 3.62
CA PHE A 25 1.15 6.34 2.46
C PHE A 25 1.73 7.15 1.27
N LYS A 26 1.29 6.82 0.04
CA LYS A 26 1.58 7.63 -1.15
C LYS A 26 0.32 7.70 -2.03
N SER A 27 -0.17 6.60 -2.61
CA SER A 27 -1.36 6.58 -3.46
C SER A 27 -2.06 5.22 -3.42
N LYS A 28 -3.39 5.18 -3.58
CA LYS A 28 -4.16 3.95 -3.67
C LYS A 28 -5.38 4.22 -4.56
N TYR A 29 -5.81 3.26 -5.37
CA TYR A 29 -6.97 3.36 -6.25
C TYR A 29 -7.57 1.97 -6.45
N TYR A 30 -8.87 1.90 -6.77
CA TYR A 30 -9.53 0.63 -7.05
C TYR A 30 -9.38 0.37 -8.55
N ASP A 31 -8.80 -0.77 -8.90
CA ASP A 31 -8.61 -1.18 -10.29
C ASP A 31 -9.70 -2.17 -10.67
N SER A 32 -10.80 -1.61 -11.20
CA SER A 32 -11.95 -2.34 -11.69
C SER A 32 -11.61 -3.37 -12.79
N SER A 33 -10.41 -3.31 -13.38
CA SER A 33 -9.97 -4.30 -14.38
C SER A 33 -9.87 -5.71 -13.77
N LYS A 34 -9.67 -5.83 -12.45
CA LYS A 34 -9.70 -7.10 -11.73
C LYS A 34 -10.57 -7.04 -10.48
N GLY A 35 -11.02 -5.85 -10.07
CA GLY A 35 -11.91 -5.69 -8.93
C GLY A 35 -11.12 -5.83 -7.62
N TYR A 36 -9.99 -5.12 -7.52
CA TYR A 36 -9.15 -5.09 -6.33
C TYR A 36 -8.55 -3.70 -6.16
N TRP A 37 -8.04 -3.39 -4.96
CA TRP A 37 -7.30 -2.16 -4.76
C TRP A 37 -5.86 -2.38 -5.22
N VAL A 38 -5.24 -1.31 -5.69
CA VAL A 38 -3.88 -1.24 -6.17
C VAL A 38 -3.31 0.07 -5.58
N GLY A 39 -1.99 0.15 -5.38
CA GLY A 39 -1.40 1.37 -4.86
C GLY A 39 0.11 1.43 -5.03
N ILE A 40 0.61 2.64 -4.81
CA ILE A 40 2.02 2.99 -4.72
C ILE A 40 2.15 3.33 -3.25
N TYR A 41 3.04 2.67 -2.52
CA TYR A 41 2.98 2.71 -1.06
C TYR A 41 4.39 2.66 -0.52
N GLU A 42 4.70 3.52 0.44
CA GLU A 42 5.95 3.45 1.18
C GLU A 42 5.66 2.85 2.56
N VAL A 43 4.68 1.94 2.69
CA VAL A 43 4.47 1.16 3.92
C VAL A 43 3.77 -0.18 3.67
N TRP A 44 2.69 -0.21 2.89
CA TRP A 44 1.84 -1.39 2.78
C TRP A 44 2.61 -2.57 2.16
N ASP A 45 2.26 -3.79 2.55
CA ASP A 45 3.06 -5.00 2.33
C ASP A 45 2.18 -6.17 1.88
N ARG A 46 1.13 -5.87 1.11
CA ARG A 46 0.24 -6.84 0.46
C ARG A 46 -0.44 -7.79 1.47
N LYS A 47 -0.92 -7.25 2.58
CA LYS A 47 -1.68 -7.96 3.60
C LYS A 47 -2.77 -7.01 4.06
N ALA A 1 12.86 2.13 -2.40
CA ALA A 1 12.11 2.61 -1.22
C ALA A 1 10.64 2.16 -1.29
N ILE A 2 9.80 2.78 -2.14
CA ILE A 2 8.41 2.39 -2.32
C ILE A 2 8.25 0.91 -2.71
N LYS A 3 7.07 0.39 -2.42
CA LYS A 3 6.54 -0.89 -2.84
C LYS A 3 5.31 -0.60 -3.71
N LEU A 4 4.88 -1.60 -4.47
CA LEU A 4 3.68 -1.54 -5.30
C LEU A 4 2.85 -2.74 -4.88
N VAL A 5 1.55 -2.54 -4.66
CA VAL A 5 0.71 -3.52 -3.97
C VAL A 5 -0.62 -3.64 -4.71
N GLN A 6 -1.21 -4.83 -4.65
CA GLN A 6 -2.51 -5.18 -5.23
C GLN A 6 -3.13 -6.17 -4.24
N SER A 7 -4.37 -5.93 -3.79
CA SER A 7 -5.17 -6.87 -2.99
C SER A 7 -6.60 -6.35 -2.89
N PRO A 8 -7.61 -7.21 -2.70
CA PRO A 8 -9.01 -6.80 -2.70
C PRO A 8 -9.37 -5.92 -1.48
N ASN A 9 -8.63 -6.04 -0.36
CA ASN A 9 -8.96 -5.31 0.87
C ASN A 9 -8.46 -3.87 0.89
N GLY A 10 -7.51 -3.48 0.03
CA GLY A 10 -6.89 -2.15 0.00
C GLY A 10 -6.46 -1.65 1.36
N ASN A 11 -5.93 -2.53 2.22
CA ASN A 11 -5.63 -2.26 3.63
C ASN A 11 -4.74 -1.02 3.80
N PHE A 12 -5.37 0.13 4.14
CA PHE A 12 -4.69 1.39 4.34
C PHE A 12 -3.96 1.35 5.68
N ALA A 13 -2.63 1.46 5.66
CA ALA A 13 -1.79 1.35 6.85
C ALA A 13 -1.43 2.71 7.48
N ALA A 14 -1.69 3.81 6.78
CA ALA A 14 -1.22 5.18 7.04
C ALA A 14 0.31 5.32 7.13
N SER A 15 0.98 4.69 8.10
CA SER A 15 2.42 4.80 8.33
C SER A 15 2.89 3.73 9.32
N PHE A 16 4.20 3.50 9.38
CA PHE A 16 4.88 2.55 10.26
C PHE A 16 6.34 2.96 10.41
N VAL A 17 7.11 2.27 11.25
CA VAL A 17 8.55 2.42 11.38
C VAL A 17 9.12 1.00 11.45
N LEU A 18 10.18 0.74 10.68
CA LEU A 18 10.82 -0.56 10.55
C LEU A 18 12.30 -0.31 10.34
N ASP A 19 13.15 -1.03 11.09
CA ASP A 19 14.61 -0.99 10.99
C ASP A 19 15.17 0.44 10.91
N GLY A 20 14.72 1.30 11.81
CA GLY A 20 15.19 2.68 11.95
C GLY A 20 14.81 3.57 10.75
N THR A 21 13.81 3.19 9.98
CA THR A 21 13.34 3.90 8.79
C THR A 21 11.83 4.09 8.97
N LYS A 22 11.31 5.30 8.65
CA LYS A 22 9.88 5.56 8.66
C LYS A 22 9.30 5.16 7.31
N TRP A 23 8.03 4.76 7.31
CA TRP A 23 7.30 4.24 6.17
C TRP A 23 5.91 4.92 6.20
N ILE A 24 5.34 5.30 5.05
CA ILE A 24 4.16 6.16 4.95
C ILE A 24 3.34 5.86 3.67
N PHE A 25 2.05 6.19 3.69
CA PHE A 25 1.15 6.17 2.53
C PHE A 25 1.67 7.07 1.39
N LYS A 26 1.31 6.73 0.15
CA LYS A 26 1.52 7.58 -1.02
C LYS A 26 0.18 7.67 -1.78
N SER A 27 -0.28 6.60 -2.45
CA SER A 27 -1.53 6.62 -3.21
C SER A 27 -2.15 5.21 -3.29
N LYS A 28 -3.48 5.11 -3.36
CA LYS A 28 -4.16 3.87 -3.77
C LYS A 28 -5.36 4.23 -4.65
N TYR A 29 -5.79 3.28 -5.49
CA TYR A 29 -6.93 3.39 -6.38
C TYR A 29 -7.54 2.00 -6.55
N TYR A 30 -8.84 1.92 -6.85
CA TYR A 30 -9.48 0.66 -7.13
C TYR A 30 -9.35 0.39 -8.63
N ASP A 31 -8.67 -0.69 -8.99
CA ASP A 31 -8.56 -1.16 -10.37
C ASP A 31 -9.82 -1.99 -10.64
N SER A 32 -10.84 -1.35 -11.21
CA SER A 32 -12.12 -1.98 -11.49
C SER A 32 -12.01 -3.09 -12.53
N SER A 33 -11.02 -3.05 -13.42
CA SER A 33 -10.81 -4.05 -14.45
C SER A 33 -10.36 -5.38 -13.82
N LYS A 34 -9.45 -5.32 -12.85
CA LYS A 34 -9.00 -6.50 -12.09
C LYS A 34 -9.95 -6.81 -10.93
N GLY A 35 -10.67 -5.82 -10.41
CA GLY A 35 -11.60 -5.98 -9.30
C GLY A 35 -10.86 -6.05 -7.96
N TYR A 36 -9.81 -5.23 -7.76
CA TYR A 36 -9.13 -5.11 -6.48
C TYR A 36 -8.56 -3.69 -6.28
N TRP A 37 -8.12 -3.37 -5.06
CA TRP A 37 -7.34 -2.16 -4.85
C TRP A 37 -5.91 -2.40 -5.34
N VAL A 38 -5.27 -1.31 -5.74
CA VAL A 38 -3.88 -1.23 -6.17
C VAL A 38 -3.32 0.05 -5.53
N GLY A 39 -2.02 0.13 -5.28
CA GLY A 39 -1.43 1.36 -4.79
C GLY A 39 0.08 1.43 -4.92
N ILE A 40 0.58 2.65 -4.82
CA ILE A 40 1.98 3.00 -4.66
C ILE A 40 2.09 3.29 -3.18
N TYR A 41 2.99 2.61 -2.47
CA TYR A 41 2.95 2.63 -1.02
C TYR A 41 4.37 2.58 -0.50
N GLU A 42 4.72 3.49 0.41
CA GLU A 42 5.98 3.46 1.13
C GLU A 42 5.72 2.86 2.52
N VAL A 43 4.78 1.92 2.67
CA VAL A 43 4.62 1.13 3.89
C VAL A 43 3.92 -0.22 3.63
N TRP A 44 2.80 -0.23 2.90
CA TRP A 44 2.03 -1.46 2.67
C TRP A 44 2.84 -2.45 1.81
N ASP A 45 2.49 -3.73 1.86
CA ASP A 45 3.24 -4.81 1.20
C ASP A 45 2.30 -5.88 0.63
N ARG A 46 1.30 -6.35 1.41
CA ARG A 46 0.21 -7.19 0.88
C ARG A 46 -0.94 -7.34 1.88
N LYS A 47 -0.61 -7.61 3.16
CA LYS A 47 -1.59 -7.97 4.19
C LYS A 47 -2.68 -6.92 4.28
N ALA A 1 12.12 3.70 0.24
CA ALA A 1 11.87 3.03 -1.05
C ALA A 1 10.42 2.52 -1.10
N ILE A 2 9.61 3.03 -2.03
CA ILE A 2 8.25 2.57 -2.28
C ILE A 2 8.22 1.08 -2.68
N LYS A 3 7.04 0.49 -2.50
CA LYS A 3 6.63 -0.82 -2.97
C LYS A 3 5.36 -0.60 -3.81
N LEU A 4 4.97 -1.60 -4.59
CA LEU A 4 3.74 -1.61 -5.36
C LEU A 4 2.94 -2.80 -4.86
N VAL A 5 1.63 -2.62 -4.67
CA VAL A 5 0.79 -3.59 -3.97
C VAL A 5 -0.56 -3.65 -4.66
N GLN A 6 -1.22 -4.80 -4.61
CA GLN A 6 -2.59 -4.98 -5.06
C GLN A 6 -3.22 -6.14 -4.28
N SER A 7 -4.45 -5.98 -3.82
CA SER A 7 -5.28 -6.99 -3.14
C SER A 7 -6.70 -6.43 -3.03
N PRO A 8 -7.75 -7.27 -2.93
CA PRO A 8 -9.12 -6.80 -2.81
C PRO A 8 -9.40 -6.09 -1.47
N ASN A 9 -8.61 -6.38 -0.42
CA ASN A 9 -8.81 -5.77 0.89
C ASN A 9 -8.41 -4.29 0.92
N GLY A 10 -7.43 -3.89 0.09
CA GLY A 10 -6.92 -2.52 0.03
C GLY A 10 -6.45 -2.03 1.40
N ASN A 11 -5.75 -2.88 2.17
CA ASN A 11 -5.54 -2.69 3.60
C ASN A 11 -4.73 -1.43 3.91
N PHE A 12 -5.43 -0.34 4.27
CA PHE A 12 -4.81 0.95 4.56
C PHE A 12 -4.02 0.85 5.87
N ALA A 13 -2.71 1.13 5.82
CA ALA A 13 -1.81 1.03 6.97
C ALA A 13 -1.40 2.39 7.54
N ALA A 14 -1.75 3.50 6.87
CA ALA A 14 -1.29 4.88 7.10
C ALA A 14 0.23 5.06 7.14
N SER A 15 0.92 4.53 8.15
CA SER A 15 2.35 4.71 8.38
C SER A 15 2.87 3.68 9.39
N PHE A 16 4.18 3.49 9.44
CA PHE A 16 4.87 2.54 10.32
C PHE A 16 6.34 2.99 10.45
N VAL A 17 7.12 2.31 11.28
CA VAL A 17 8.56 2.49 11.41
C VAL A 17 9.15 1.08 11.49
N LEU A 18 10.21 0.82 10.71
CA LEU A 18 10.86 -0.48 10.61
C LEU A 18 12.33 -0.23 10.28
N ASP A 19 13.22 -0.93 10.98
CA ASP A 19 14.68 -0.87 10.83
C ASP A 19 15.21 0.56 10.71
N GLY A 20 14.79 1.42 11.66
CA GLY A 20 15.26 2.79 11.78
C GLY A 20 14.85 3.69 10.61
N THR A 21 13.80 3.30 9.86
CA THR A 21 13.30 3.99 8.69
C THR A 21 11.80 4.18 8.90
N LYS A 22 11.25 5.35 8.52
CA LYS A 22 9.81 5.62 8.58
C LYS A 22 9.19 5.20 7.25
N TRP A 23 7.93 4.79 7.29
CA TRP A 23 7.18 4.20 6.20
C TRP A 23 5.78 4.87 6.22
N ILE A 24 5.20 5.21 5.06
CA ILE A 24 3.99 6.03 4.95
C ILE A 24 3.22 5.75 3.64
N PHE A 25 1.92 6.07 3.63
CA PHE A 25 1.06 6.11 2.44
C PHE A 25 1.64 7.01 1.33
N LYS A 26 1.28 6.74 0.07
CA LYS A 26 1.54 7.66 -1.04
C LYS A 26 0.34 7.72 -1.99
N SER A 27 -0.13 6.59 -2.54
CA SER A 27 -1.35 6.53 -3.37
C SER A 27 -2.00 5.14 -3.27
N LYS A 28 -3.33 5.08 -3.42
CA LYS A 28 -4.10 3.84 -3.53
C LYS A 28 -5.32 4.14 -4.41
N TYR A 29 -5.73 3.20 -5.26
CA TYR A 29 -6.86 3.35 -6.17
C TYR A 29 -7.49 1.98 -6.42
N TYR A 30 -8.77 1.95 -6.80
CA TYR A 30 -9.47 0.71 -7.12
C TYR A 30 -9.34 0.49 -8.63
N ASP A 31 -8.78 -0.65 -9.02
CA ASP A 31 -8.61 -1.02 -10.42
C ASP A 31 -9.76 -1.94 -10.82
N SER A 32 -10.84 -1.33 -11.29
CA SER A 32 -12.04 -2.00 -11.78
C SER A 32 -11.75 -3.01 -12.92
N SER A 33 -10.58 -2.96 -13.56
CA SER A 33 -10.19 -3.92 -14.59
C SER A 33 -10.06 -5.34 -14.01
N LYS A 34 -9.76 -5.47 -12.71
CA LYS A 34 -9.65 -6.75 -11.99
C LYS A 34 -10.55 -6.78 -10.76
N GLY A 35 -11.06 -5.63 -10.30
CA GLY A 35 -11.95 -5.55 -9.17
C GLY A 35 -11.17 -5.73 -7.86
N TYR A 36 -10.04 -5.03 -7.71
CA TYR A 36 -9.25 -5.00 -6.49
C TYR A 36 -8.63 -3.63 -6.27
N TRP A 37 -8.12 -3.36 -5.07
CA TRP A 37 -7.33 -2.15 -4.83
C TRP A 37 -5.90 -2.41 -5.32
N VAL A 38 -5.23 -1.33 -5.70
CA VAL A 38 -3.86 -1.26 -6.15
C VAL A 38 -3.28 0.01 -5.51
N GLY A 39 -1.96 0.10 -5.32
CA GLY A 39 -1.37 1.31 -4.77
C GLY A 39 0.13 1.39 -4.98
N ILE A 40 0.65 2.59 -4.69
CA ILE A 40 2.05 2.94 -4.68
C ILE A 40 2.24 3.35 -3.22
N TYR A 41 3.03 2.59 -2.48
CA TYR A 41 2.93 2.59 -1.03
C TYR A 41 4.33 2.51 -0.47
N GLU A 42 4.66 3.35 0.50
CA GLU A 42 5.92 3.25 1.22
C GLU A 42 5.61 2.70 2.61
N VAL A 43 4.65 1.79 2.77
CA VAL A 43 4.48 1.02 4.02
C VAL A 43 3.80 -0.33 3.79
N TRP A 44 2.68 -0.39 3.05
CA TRP A 44 1.94 -1.64 2.90
C TRP A 44 2.82 -2.68 2.19
N ASP A 45 2.72 -3.94 2.65
CA ASP A 45 3.57 -5.06 2.24
C ASP A 45 2.69 -6.24 1.78
N ARG A 46 1.49 -5.93 1.29
CA ARG A 46 0.40 -6.83 0.90
C ARG A 46 -0.25 -7.56 2.08
N LYS A 47 0.53 -7.97 3.08
CA LYS A 47 0.11 -8.76 4.23
C LYS A 47 -0.82 -9.89 3.76
N ALA A 1 12.23 3.58 0.14
CA ALA A 1 11.90 2.98 -1.16
C ALA A 1 10.45 2.48 -1.15
N ILE A 2 9.64 2.94 -2.11
CA ILE A 2 8.26 2.47 -2.29
C ILE A 2 8.20 0.97 -2.58
N LYS A 3 7.00 0.42 -2.42
CA LYS A 3 6.53 -0.86 -2.93
C LYS A 3 5.34 -0.55 -3.85
N LEU A 4 5.02 -1.49 -4.72
CA LEU A 4 3.80 -1.47 -5.52
C LEU A 4 2.98 -2.64 -5.00
N VAL A 5 1.70 -2.41 -4.73
CA VAL A 5 0.91 -3.29 -3.87
C VAL A 5 -0.48 -3.45 -4.51
N GLN A 6 -1.10 -4.63 -4.35
CA GLN A 6 -2.42 -4.92 -4.87
C GLN A 6 -3.04 -6.06 -4.05
N SER A 7 -4.25 -5.86 -3.53
CA SER A 7 -5.07 -6.85 -2.82
C SER A 7 -6.52 -6.35 -2.83
N PRO A 8 -7.52 -7.25 -2.72
CA PRO A 8 -8.92 -6.83 -2.70
C PRO A 8 -9.31 -6.05 -1.45
N ASN A 9 -8.62 -6.26 -0.32
CA ASN A 9 -8.99 -5.63 0.96
C ASN A 9 -8.70 -4.13 0.97
N GLY A 10 -7.66 -3.68 0.25
CA GLY A 10 -7.27 -2.27 0.19
C GLY A 10 -6.86 -1.69 1.54
N ASN A 11 -6.26 -2.51 2.42
CA ASN A 11 -5.90 -2.19 3.80
C ASN A 11 -5.05 -0.92 3.90
N PHE A 12 -5.67 0.22 4.18
CA PHE A 12 -4.99 1.49 4.41
C PHE A 12 -4.20 1.38 5.72
N ALA A 13 -2.87 1.60 5.65
CA ALA A 13 -1.95 1.38 6.77
C ALA A 13 -1.41 2.68 7.38
N ALA A 14 -1.73 3.85 6.81
CA ALA A 14 -1.21 5.18 7.13
C ALA A 14 0.32 5.30 7.16
N SER A 15 0.98 4.79 8.21
CA SER A 15 2.42 4.91 8.42
C SER A 15 2.89 3.88 9.46
N PHE A 16 4.20 3.60 9.49
CA PHE A 16 4.84 2.64 10.38
C PHE A 16 6.34 2.98 10.50
N VAL A 17 7.08 2.23 11.31
CA VAL A 17 8.52 2.34 11.46
C VAL A 17 9.06 0.91 11.48
N LEU A 18 10.07 0.63 10.64
CA LEU A 18 10.65 -0.69 10.42
C LEU A 18 12.07 -0.49 9.92
N ASP A 19 12.99 -1.36 10.33
CA ASP A 19 14.42 -1.36 9.94
C ASP A 19 15.04 0.05 10.04
N GLY A 20 14.79 0.72 11.18
CA GLY A 20 15.34 2.03 11.51
C GLY A 20 14.92 3.13 10.52
N THR A 21 13.80 2.95 9.82
CA THR A 21 13.33 3.81 8.75
C THR A 21 11.82 4.05 8.98
N LYS A 22 11.30 5.22 8.59
CA LYS A 22 9.87 5.52 8.64
C LYS A 22 9.23 5.15 7.31
N TRP A 23 7.96 4.78 7.35
CA TRP A 23 7.21 4.20 6.25
C TRP A 23 5.84 4.91 6.24
N ILE A 24 5.27 5.24 5.08
CA ILE A 24 4.11 6.12 4.94
C ILE A 24 3.34 5.85 3.64
N PHE A 25 2.06 6.22 3.61
CA PHE A 25 1.17 6.21 2.45
C PHE A 25 1.71 7.09 1.30
N LYS A 26 1.29 6.78 0.06
CA LYS A 26 1.48 7.67 -1.10
C LYS A 26 0.18 7.69 -1.92
N SER A 27 -0.25 6.58 -2.54
CA SER A 27 -1.46 6.54 -3.36
C SER A 27 -2.12 5.15 -3.35
N LYS A 28 -3.45 5.09 -3.51
CA LYS A 28 -4.21 3.86 -3.75
C LYS A 28 -5.37 4.19 -4.69
N TYR A 29 -5.82 3.21 -5.47
CA TYR A 29 -6.98 3.31 -6.36
C TYR A 29 -7.59 1.91 -6.52
N TYR A 30 -8.86 1.85 -6.88
CA TYR A 30 -9.55 0.58 -7.15
C TYR A 30 -9.45 0.32 -8.65
N ASP A 31 -8.83 -0.79 -9.03
CA ASP A 31 -8.72 -1.18 -10.43
C ASP A 31 -9.92 -2.06 -10.78
N SER A 32 -11.00 -1.41 -11.22
CA SER A 32 -12.24 -2.05 -11.64
C SER A 32 -12.04 -3.07 -12.77
N SER A 33 -10.90 -3.05 -13.48
CA SER A 33 -10.58 -4.04 -14.51
C SER A 33 -10.43 -5.45 -13.91
N LYS A 34 -10.07 -5.55 -12.63
CA LYS A 34 -9.84 -6.82 -11.92
C LYS A 34 -10.60 -6.88 -10.59
N GLY A 35 -11.15 -5.77 -10.10
CA GLY A 35 -12.00 -5.73 -8.93
C GLY A 35 -11.17 -5.87 -7.65
N TYR A 36 -10.06 -5.12 -7.54
CA TYR A 36 -9.21 -5.08 -6.36
C TYR A 36 -8.58 -3.70 -6.20
N TRP A 37 -8.03 -3.39 -5.03
CA TRP A 37 -7.26 -2.18 -4.83
C TRP A 37 -5.83 -2.41 -5.32
N VAL A 38 -5.21 -1.35 -5.78
CA VAL A 38 -3.83 -1.28 -6.24
C VAL A 38 -3.27 0.04 -5.68
N GLY A 39 -1.96 0.16 -5.47
CA GLY A 39 -1.40 1.38 -4.96
C GLY A 39 0.12 1.44 -5.07
N ILE A 40 0.64 2.63 -4.75
CA ILE A 40 2.04 2.96 -4.65
C ILE A 40 2.16 3.34 -3.18
N TYR A 41 3.00 2.63 -2.44
CA TYR A 41 2.91 2.66 -0.98
C TYR A 41 4.31 2.52 -0.44
N GLU A 42 4.68 3.34 0.54
CA GLU A 42 5.94 3.20 1.25
C GLU A 42 5.64 2.68 2.66
N VAL A 43 4.65 1.79 2.83
CA VAL A 43 4.43 1.04 4.08
C VAL A 43 3.68 -0.27 3.84
N TRP A 44 2.59 -0.25 3.05
CA TRP A 44 1.72 -1.41 2.93
C TRP A 44 2.47 -2.58 2.27
N ASP A 45 2.07 -3.82 2.62
CA ASP A 45 2.72 -5.07 2.23
C ASP A 45 1.66 -6.10 1.82
N ARG A 46 0.56 -5.61 1.23
CA ARG A 46 -0.60 -6.34 0.71
C ARG A 46 -1.48 -7.03 1.74
N LYS A 47 -0.96 -7.35 2.93
CA LYS A 47 -1.71 -7.94 4.03
C LYS A 47 -2.88 -7.04 4.38
N ALA A 1 12.60 2.30 -1.94
CA ALA A 1 11.80 2.95 -0.87
C ALA A 1 10.32 2.58 -0.98
N ILE A 2 9.59 3.13 -1.97
CA ILE A 2 8.20 2.71 -2.25
C ILE A 2 8.15 1.21 -2.64
N LYS A 3 6.93 0.67 -2.59
CA LYS A 3 6.56 -0.68 -2.97
C LYS A 3 5.26 -0.56 -3.76
N LEU A 4 4.90 -1.59 -4.51
CA LEU A 4 3.68 -1.65 -5.31
C LEU A 4 2.89 -2.85 -4.81
N VAL A 5 1.58 -2.69 -4.65
CA VAL A 5 0.73 -3.69 -3.97
C VAL A 5 -0.58 -3.79 -4.75
N GLN A 6 -1.19 -4.98 -4.75
CA GLN A 6 -2.50 -5.26 -5.34
C GLN A 6 -3.20 -6.24 -4.40
N SER A 7 -4.41 -5.94 -3.92
CA SER A 7 -5.20 -6.86 -3.11
C SER A 7 -6.65 -6.39 -3.10
N PRO A 8 -7.64 -7.29 -3.08
CA PRO A 8 -9.04 -6.91 -2.90
C PRO A 8 -9.31 -6.34 -1.49
N ASN A 9 -8.48 -6.63 -0.49
CA ASN A 9 -8.71 -6.13 0.87
C ASN A 9 -8.48 -4.62 0.97
N GLY A 10 -7.52 -4.07 0.21
CA GLY A 10 -7.30 -2.63 0.09
C GLY A 10 -6.91 -1.94 1.39
N ASN A 11 -6.26 -2.65 2.32
CA ASN A 11 -5.89 -2.18 3.64
C ASN A 11 -5.11 -0.85 3.60
N PHE A 12 -5.75 0.24 4.04
CA PHE A 12 -5.08 1.51 4.29
C PHE A 12 -4.26 1.38 5.57
N ALA A 13 -2.92 1.35 5.45
CA ALA A 13 -2.00 1.09 6.56
C ALA A 13 -1.47 2.38 7.23
N ALA A 14 -1.85 3.57 6.72
CA ALA A 14 -1.36 4.91 7.06
C ALA A 14 0.17 5.09 7.07
N SER A 15 0.88 4.52 8.05
CA SER A 15 2.28 4.80 8.33
C SER A 15 2.83 3.76 9.32
N PHE A 16 4.16 3.61 9.38
CA PHE A 16 4.86 2.69 10.28
C PHE A 16 6.32 3.15 10.45
N VAL A 17 7.08 2.46 11.30
CA VAL A 17 8.52 2.61 11.47
C VAL A 17 9.06 1.19 11.63
N LEU A 18 10.15 0.84 10.94
CA LEU A 18 10.70 -0.51 10.90
C LEU A 18 12.21 -0.37 10.72
N ASP A 19 12.96 -0.98 11.64
CA ASP A 19 14.43 -0.92 11.73
C ASP A 19 14.99 0.49 11.54
N GLY A 20 14.32 1.48 12.14
CA GLY A 20 14.72 2.88 12.15
C GLY A 20 14.39 3.63 10.84
N THR A 21 13.93 2.93 9.80
CA THR A 21 13.41 3.56 8.59
C THR A 21 11.95 3.93 8.86
N LYS A 22 11.48 5.04 8.28
CA LYS A 22 10.12 5.54 8.45
C LYS A 22 9.33 5.22 7.17
N TRP A 23 8.04 4.93 7.33
CA TRP A 23 7.18 4.37 6.28
C TRP A 23 5.83 5.10 6.30
N ILE A 24 5.20 5.34 5.14
CA ILE A 24 4.03 6.23 4.97
C ILE A 24 3.22 5.93 3.68
N PHE A 25 1.96 6.36 3.63
CA PHE A 25 1.10 6.38 2.44
C PHE A 25 1.70 7.20 1.29
N LYS A 26 1.26 6.90 0.05
CA LYS A 26 1.53 7.74 -1.13
C LYS A 26 0.27 7.76 -2.02
N SER A 27 -0.16 6.63 -2.59
CA SER A 27 -1.36 6.54 -3.43
C SER A 27 -2.01 5.15 -3.34
N LYS A 28 -3.34 5.08 -3.40
CA LYS A 28 -4.09 3.82 -3.50
C LYS A 28 -5.40 4.11 -4.25
N TYR A 29 -5.85 3.20 -5.12
CA TYR A 29 -7.03 3.35 -5.96
C TYR A 29 -7.65 1.97 -6.22
N TYR A 30 -8.92 1.92 -6.62
CA TYR A 30 -9.58 0.68 -7.00
C TYR A 30 -9.42 0.50 -8.50
N ASP A 31 -8.86 -0.63 -8.93
CA ASP A 31 -8.64 -0.94 -10.34
C ASP A 31 -9.84 -1.75 -10.83
N SER A 32 -10.95 -1.05 -11.10
CA SER A 32 -12.24 -1.64 -11.45
C SER A 32 -12.15 -2.64 -12.61
N SER A 33 -11.19 -2.46 -13.53
CA SER A 33 -10.94 -3.36 -14.65
C SER A 33 -10.52 -4.78 -14.19
N LYS A 34 -10.00 -4.93 -12.96
CA LYS A 34 -9.53 -6.20 -12.41
C LYS A 34 -10.21 -6.55 -11.09
N GLY A 35 -10.85 -5.58 -10.42
CA GLY A 35 -11.70 -5.83 -9.27
C GLY A 35 -10.90 -6.02 -7.99
N TYR A 36 -9.82 -5.25 -7.81
CA TYR A 36 -9.06 -5.19 -6.56
C TYR A 36 -8.47 -3.77 -6.41
N TRP A 37 -8.04 -3.41 -5.19
CA TRP A 37 -7.29 -2.19 -4.98
C TRP A 37 -5.86 -2.39 -5.45
N VAL A 38 -5.21 -1.30 -5.83
CA VAL A 38 -3.83 -1.22 -6.28
C VAL A 38 -3.26 0.05 -5.63
N GLY A 39 -1.96 0.09 -5.36
CA GLY A 39 -1.36 1.30 -4.80
C GLY A 39 0.15 1.36 -4.99
N ILE A 40 0.66 2.56 -4.75
CA ILE A 40 2.07 2.91 -4.68
C ILE A 40 2.20 3.34 -3.23
N TYR A 41 3.00 2.64 -2.43
CA TYR A 41 2.92 2.75 -0.99
C TYR A 41 4.32 2.69 -0.43
N GLU A 42 4.65 3.55 0.53
CA GLU A 42 5.91 3.50 1.24
C GLU A 42 5.67 2.90 2.63
N VAL A 43 4.69 2.00 2.78
CA VAL A 43 4.54 1.18 3.99
C VAL A 43 3.88 -0.17 3.66
N TRP A 44 2.70 -0.17 3.02
CA TRP A 44 1.85 -1.35 2.95
C TRP A 44 2.58 -2.51 2.27
N ASP A 45 2.32 -3.73 2.76
CA ASP A 45 3.11 -4.93 2.47
C ASP A 45 2.19 -6.10 2.11
N ARG A 46 1.01 -5.79 1.56
CA ARG A 46 -0.09 -6.73 1.29
C ARG A 46 -0.65 -7.40 2.56
N LYS A 47 -0.31 -6.87 3.75
CA LYS A 47 -0.94 -7.26 5.01
C LYS A 47 -2.42 -6.94 4.91
N ALA A 1 12.20 3.62 0.16
CA ALA A 1 11.91 3.00 -1.15
C ALA A 1 10.46 2.53 -1.19
N ILE A 2 9.66 3.07 -2.12
CA ILE A 2 8.29 2.61 -2.38
C ILE A 2 8.25 1.13 -2.80
N LYS A 3 7.08 0.55 -2.65
CA LYS A 3 6.67 -0.77 -3.13
C LYS A 3 5.36 -0.56 -3.90
N LEU A 4 4.96 -1.58 -4.66
CA LEU A 4 3.72 -1.59 -5.43
C LEU A 4 2.95 -2.80 -4.94
N VAL A 5 1.63 -2.67 -4.77
CA VAL A 5 0.81 -3.67 -4.10
C VAL A 5 -0.52 -3.76 -4.85
N GLN A 6 -1.12 -4.95 -4.88
CA GLN A 6 -2.43 -5.23 -5.45
C GLN A 6 -3.12 -6.26 -4.54
N SER A 7 -4.23 -5.91 -3.89
CA SER A 7 -4.98 -6.79 -3.00
C SER A 7 -6.44 -6.36 -2.93
N PRO A 8 -7.40 -7.28 -2.70
CA PRO A 8 -8.81 -6.91 -2.61
C PRO A 8 -9.14 -6.10 -1.34
N ASN A 9 -8.39 -6.30 -0.25
CA ASN A 9 -8.69 -5.67 1.04
C ASN A 9 -8.41 -4.16 1.07
N GLY A 10 -7.44 -3.68 0.26
CA GLY A 10 -7.09 -2.26 0.16
C GLY A 10 -6.83 -1.55 1.49
N ASN A 11 -6.34 -2.26 2.52
CA ASN A 11 -6.19 -1.75 3.87
C ASN A 11 -5.25 -0.54 3.91
N PHE A 12 -5.80 0.66 4.11
CA PHE A 12 -5.03 1.88 4.30
C PHE A 12 -4.25 1.78 5.61
N ALA A 13 -2.91 1.83 5.53
CA ALA A 13 -2.02 1.62 6.69
C ALA A 13 -1.52 2.93 7.31
N ALA A 14 -1.77 4.09 6.68
CA ALA A 14 -1.22 5.43 6.98
C ALA A 14 0.31 5.50 7.05
N SER A 15 0.95 4.95 8.09
CA SER A 15 2.39 4.98 8.30
C SER A 15 2.83 3.91 9.30
N PHE A 16 4.13 3.63 9.37
CA PHE A 16 4.76 2.66 10.26
C PHE A 16 6.24 3.04 10.42
N VAL A 17 6.97 2.34 11.29
CA VAL A 17 8.41 2.47 11.45
C VAL A 17 8.94 1.05 11.59
N LEU A 18 10.01 0.71 10.87
CA LEU A 18 10.57 -0.63 10.76
C LEU A 18 12.08 -0.45 10.68
N ASP A 19 12.80 -1.05 11.63
CA ASP A 19 14.26 -1.01 11.75
C ASP A 19 14.82 0.42 11.63
N GLY A 20 14.16 1.37 12.29
CA GLY A 20 14.59 2.76 12.35
C GLY A 20 14.33 3.56 11.07
N THR A 21 13.67 2.97 10.06
CA THR A 21 13.25 3.65 8.85
C THR A 21 11.75 3.93 8.99
N LYS A 22 11.30 5.12 8.61
CA LYS A 22 9.87 5.45 8.60
C LYS A 22 9.26 5.04 7.26
N TRP A 23 7.99 4.70 7.26
CA TRP A 23 7.23 4.14 6.16
C TRP A 23 5.87 4.87 6.15
N ILE A 24 5.32 5.24 4.99
CA ILE A 24 4.18 6.14 4.86
C ILE A 24 3.38 5.88 3.55
N PHE A 25 2.10 6.25 3.54
CA PHE A 25 1.22 6.28 2.37
C PHE A 25 1.77 7.16 1.24
N LYS A 26 1.37 6.88 0.00
CA LYS A 26 1.58 7.77 -1.14
C LYS A 26 0.33 7.84 -2.03
N SER A 27 -0.13 6.74 -2.63
CA SER A 27 -1.37 6.71 -3.45
C SER A 27 -2.00 5.32 -3.44
N LYS A 28 -3.34 5.24 -3.57
CA LYS A 28 -4.09 4.00 -3.75
C LYS A 28 -5.34 4.28 -4.57
N TYR A 29 -5.84 3.28 -5.30
CA TYR A 29 -7.06 3.35 -6.09
C TYR A 29 -7.66 1.95 -6.22
N TYR A 30 -8.97 1.86 -6.49
CA TYR A 30 -9.63 0.59 -6.78
C TYR A 30 -9.55 0.37 -8.28
N ASP A 31 -8.91 -0.73 -8.70
CA ASP A 31 -8.77 -1.09 -10.10
C ASP A 31 -9.97 -1.93 -10.52
N SER A 32 -11.10 -1.26 -10.74
CA SER A 32 -12.39 -1.86 -11.06
C SER A 32 -12.32 -2.86 -12.22
N SER A 33 -11.39 -2.66 -13.16
CA SER A 33 -11.17 -3.55 -14.31
C SER A 33 -10.69 -4.95 -13.91
N LYS A 34 -10.13 -5.12 -12.69
CA LYS A 34 -9.64 -6.39 -12.16
C LYS A 34 -10.28 -6.74 -10.82
N GLY A 35 -10.89 -5.78 -10.12
CA GLY A 35 -11.70 -6.02 -8.95
C GLY A 35 -10.88 -6.13 -7.67
N TYR A 36 -9.81 -5.33 -7.54
CA TYR A 36 -9.02 -5.23 -6.32
C TYR A 36 -8.44 -3.82 -6.20
N TRP A 37 -7.97 -3.45 -5.00
CA TRP A 37 -7.23 -2.23 -4.80
C TRP A 37 -5.82 -2.40 -5.32
N VAL A 38 -5.20 -1.28 -5.70
CA VAL A 38 -3.83 -1.16 -6.16
C VAL A 38 -3.27 0.10 -5.48
N GLY A 39 -1.96 0.20 -5.29
CA GLY A 39 -1.37 1.42 -4.78
C GLY A 39 0.14 1.49 -5.01
N ILE A 40 0.65 2.70 -4.83
CA ILE A 40 2.05 3.05 -4.78
C ILE A 40 2.23 3.46 -3.33
N TYR A 41 3.04 2.73 -2.58
CA TYR A 41 2.97 2.75 -1.14
C TYR A 41 4.38 2.64 -0.61
N GLU A 42 4.71 3.39 0.44
CA GLU A 42 5.97 3.24 1.15
C GLU A 42 5.65 2.71 2.55
N VAL A 43 4.66 1.81 2.70
CA VAL A 43 4.44 1.06 3.95
C VAL A 43 3.68 -0.25 3.69
N TRP A 44 2.63 -0.22 2.87
CA TRP A 44 1.78 -1.39 2.65
C TRP A 44 2.55 -2.50 1.93
N ASP A 45 2.05 -3.73 2.01
CA ASP A 45 2.70 -4.92 1.46
C ASP A 45 1.71 -5.90 0.85
N ARG A 46 0.54 -6.11 1.47
CA ARG A 46 -0.58 -6.88 0.91
C ARG A 46 -1.82 -6.77 1.78
N LYS A 47 -1.68 -6.67 3.11
CA LYS A 47 -2.77 -6.37 4.02
C LYS A 47 -2.15 -5.54 5.13
N ALA A 1 12.19 3.98 -0.13
CA ALA A 1 11.84 3.37 -1.44
C ALA A 1 10.41 2.84 -1.40
N ILE A 2 9.56 3.28 -2.32
CA ILE A 2 8.18 2.79 -2.46
C ILE A 2 8.16 1.29 -2.77
N LYS A 3 6.97 0.70 -2.56
CA LYS A 3 6.57 -0.65 -2.93
C LYS A 3 5.28 -0.48 -3.75
N LEU A 4 4.89 -1.52 -4.47
CA LEU A 4 3.66 -1.57 -5.26
C LEU A 4 2.89 -2.77 -4.76
N VAL A 5 1.58 -2.63 -4.56
CA VAL A 5 0.76 -3.61 -3.86
C VAL A 5 -0.59 -3.71 -4.58
N GLN A 6 -1.22 -4.89 -4.52
CA GLN A 6 -2.55 -5.16 -5.04
C GLN A 6 -3.24 -6.08 -4.04
N SER A 7 -4.50 -5.83 -3.69
CA SER A 7 -5.33 -6.74 -2.89
C SER A 7 -6.78 -6.25 -2.94
N PRO A 8 -7.79 -7.13 -2.84
CA PRO A 8 -9.19 -6.70 -2.80
C PRO A 8 -9.53 -5.93 -1.52
N ASN A 9 -8.80 -6.15 -0.42
CA ASN A 9 -9.10 -5.52 0.86
C ASN A 9 -8.75 -4.02 0.88
N GLY A 10 -7.71 -3.61 0.14
CA GLY A 10 -7.25 -2.22 0.07
C GLY A 10 -6.84 -1.64 1.42
N ASN A 11 -6.26 -2.46 2.31
CA ASN A 11 -5.93 -2.11 3.69
C ASN A 11 -5.07 -0.85 3.78
N PHE A 12 -5.68 0.28 4.14
CA PHE A 12 -4.99 1.54 4.38
C PHE A 12 -4.17 1.41 5.67
N ALA A 13 -2.84 1.49 5.57
CA ALA A 13 -1.91 1.25 6.67
C ALA A 13 -1.42 2.54 7.35
N ALA A 14 -1.73 3.73 6.79
CA ALA A 14 -1.22 5.06 7.14
C ALA A 14 0.32 5.17 7.16
N SER A 15 1.00 4.59 8.15
CA SER A 15 2.43 4.73 8.37
C SER A 15 2.94 3.67 9.36
N PHE A 16 4.26 3.47 9.40
CA PHE A 16 4.95 2.51 10.26
C PHE A 16 6.41 2.95 10.42
N VAL A 17 7.19 2.27 11.26
CA VAL A 17 8.63 2.46 11.40
C VAL A 17 9.22 1.05 11.51
N LEU A 18 10.29 0.77 10.77
CA LEU A 18 10.90 -0.54 10.64
C LEU A 18 12.40 -0.31 10.54
N ASP A 19 13.16 -0.89 11.47
CA ASP A 19 14.62 -0.79 11.58
C ASP A 19 15.13 0.66 11.44
N GLY A 20 14.44 1.59 12.11
CA GLY A 20 14.81 2.99 12.17
C GLY A 20 14.48 3.79 10.91
N THR A 21 13.85 3.17 9.91
CA THR A 21 13.37 3.84 8.70
C THR A 21 11.87 4.06 8.89
N LYS A 22 11.35 5.26 8.54
CA LYS A 22 9.92 5.54 8.58
C LYS A 22 9.31 5.13 7.23
N TRP A 23 8.04 4.74 7.26
CA TRP A 23 7.28 4.19 6.15
C TRP A 23 5.90 4.87 6.19
N ILE A 24 5.31 5.24 5.04
CA ILE A 24 4.12 6.09 4.95
C ILE A 24 3.33 5.83 3.66
N PHE A 25 2.04 6.17 3.66
CA PHE A 25 1.15 6.17 2.51
C PHE A 25 1.65 7.08 1.37
N LYS A 26 1.23 6.78 0.13
CA LYS A 26 1.41 7.68 -1.02
C LYS A 26 0.10 7.73 -1.82
N SER A 27 -0.34 6.63 -2.45
CA SER A 27 -1.57 6.60 -3.26
C SER A 27 -2.21 5.21 -3.26
N LYS A 28 -3.53 5.15 -3.42
CA LYS A 28 -4.29 3.92 -3.68
C LYS A 28 -5.42 4.24 -4.67
N TYR A 29 -5.82 3.26 -5.48
CA TYR A 29 -6.93 3.36 -6.42
C TYR A 29 -7.54 1.97 -6.62
N TYR A 30 -8.82 1.90 -6.99
CA TYR A 30 -9.45 0.64 -7.32
C TYR A 30 -9.24 0.37 -8.80
N ASP A 31 -8.60 -0.75 -9.13
CA ASP A 31 -8.43 -1.20 -10.50
C ASP A 31 -9.70 -1.97 -10.87
N SER A 32 -10.71 -1.24 -11.34
CA SER A 32 -12.01 -1.79 -11.71
C SER A 32 -11.90 -2.88 -12.78
N SER A 33 -10.87 -2.83 -13.64
CA SER A 33 -10.66 -3.81 -14.70
C SER A 33 -10.20 -5.16 -14.14
N LYS A 34 -9.57 -5.19 -12.96
CA LYS A 34 -9.10 -6.43 -12.31
C LYS A 34 -9.92 -6.77 -11.06
N GLY A 35 -10.65 -5.81 -10.50
CA GLY A 35 -11.56 -6.02 -9.38
C GLY A 35 -10.83 -6.10 -8.04
N TYR A 36 -9.80 -5.27 -7.84
CA TYR A 36 -9.12 -5.13 -6.55
C TYR A 36 -8.52 -3.73 -6.39
N TRP A 37 -8.15 -3.35 -5.18
CA TRP A 37 -7.36 -2.14 -4.95
C TRP A 37 -5.93 -2.40 -5.40
N VAL A 38 -5.26 -1.31 -5.76
CA VAL A 38 -3.85 -1.23 -6.12
C VAL A 38 -3.33 0.04 -5.44
N GLY A 39 -2.03 0.12 -5.17
CA GLY A 39 -1.46 1.35 -4.63
C GLY A 39 0.04 1.44 -4.85
N ILE A 40 0.53 2.66 -4.71
CA ILE A 40 1.93 3.01 -4.62
C ILE A 40 2.08 3.36 -3.15
N TYR A 41 2.91 2.63 -2.43
CA TYR A 41 2.84 2.62 -0.98
C TYR A 41 4.26 2.51 -0.46
N GLU A 42 4.67 3.41 0.44
CA GLU A 42 5.94 3.30 1.13
C GLU A 42 5.67 2.75 2.53
N VAL A 43 4.72 1.81 2.70
CA VAL A 43 4.57 1.03 3.94
C VAL A 43 3.88 -0.31 3.70
N TRP A 44 2.75 -0.33 2.97
CA TRP A 44 1.92 -1.53 2.88
C TRP A 44 2.69 -2.66 2.18
N ASP A 45 2.42 -3.90 2.59
CA ASP A 45 3.10 -5.12 2.14
C ASP A 45 2.08 -6.25 1.98
N ARG A 46 0.87 -5.89 1.51
CA ARG A 46 -0.31 -6.77 1.42
C ARG A 46 -0.70 -7.38 2.79
N LYS A 47 -0.36 -6.69 3.89
CA LYS A 47 -0.87 -7.00 5.22
C LYS A 47 -2.39 -6.86 5.16
N ALA A 1 12.21 3.42 0.33
CA ALA A 1 11.93 2.78 -0.98
C ALA A 1 10.47 2.33 -1.04
N ILE A 2 9.71 2.83 -2.02
CA ILE A 2 8.34 2.39 -2.27
C ILE A 2 8.27 0.89 -2.61
N LYS A 3 7.08 0.34 -2.45
CA LYS A 3 6.60 -0.92 -2.97
C LYS A 3 5.40 -0.61 -3.86
N LEU A 4 5.00 -1.59 -4.67
CA LEU A 4 3.77 -1.55 -5.45
C LEU A 4 2.97 -2.75 -4.98
N VAL A 5 1.66 -2.57 -4.75
CA VAL A 5 0.84 -3.55 -4.06
C VAL A 5 -0.50 -3.64 -4.78
N GLN A 6 -1.06 -4.85 -4.87
CA GLN A 6 -2.31 -5.15 -5.56
C GLN A 6 -2.99 -6.26 -4.76
N SER A 7 -4.00 -5.93 -3.94
CA SER A 7 -4.69 -6.90 -3.09
C SER A 7 -6.13 -6.44 -2.83
N PRO A 8 -7.10 -7.36 -2.63
CA PRO A 8 -8.51 -6.99 -2.51
C PRO A 8 -8.84 -6.26 -1.20
N ASN A 9 -8.09 -6.50 -0.12
CA ASN A 9 -8.41 -5.95 1.20
C ASN A 9 -8.15 -4.44 1.31
N GLY A 10 -7.24 -3.88 0.50
CA GLY A 10 -6.93 -2.45 0.46
C GLY A 10 -6.66 -1.80 1.81
N ASN A 11 -6.01 -2.53 2.74
CA ASN A 11 -5.73 -2.08 4.11
C ASN A 11 -4.90 -0.80 4.13
N PHE A 12 -5.56 0.36 4.30
CA PHE A 12 -4.90 1.64 4.43
C PHE A 12 -4.14 1.70 5.76
N ALA A 13 -2.81 1.69 5.69
CA ALA A 13 -1.94 1.61 6.88
C ALA A 13 -1.52 2.99 7.42
N ALA A 14 -1.74 4.07 6.66
CA ALA A 14 -1.24 5.43 6.86
C ALA A 14 0.28 5.55 6.97
N SER A 15 0.90 5.00 8.01
CA SER A 15 2.35 5.08 8.28
C SER A 15 2.76 4.04 9.32
N PHE A 16 4.06 3.74 9.39
CA PHE A 16 4.66 2.75 10.30
C PHE A 16 6.16 3.05 10.45
N VAL A 17 6.87 2.29 11.27
CA VAL A 17 8.32 2.36 11.44
C VAL A 17 8.81 0.91 11.48
N LEU A 18 9.82 0.59 10.67
CA LEU A 18 10.36 -0.76 10.49
C LEU A 18 11.80 -0.62 10.01
N ASP A 19 12.69 -1.51 10.46
CA ASP A 19 14.11 -1.54 10.10
C ASP A 19 14.77 -0.16 10.19
N GLY A 20 14.52 0.53 11.31
CA GLY A 20 15.11 1.84 11.61
C GLY A 20 14.74 2.93 10.60
N THR A 21 13.63 2.77 9.89
CA THR A 21 13.21 3.63 8.79
C THR A 21 11.71 3.93 8.98
N LYS A 22 11.25 5.10 8.58
CA LYS A 22 9.82 5.46 8.61
C LYS A 22 9.19 5.07 7.28
N TRP A 23 7.91 4.73 7.31
CA TRP A 23 7.14 4.17 6.21
C TRP A 23 5.80 4.92 6.17
N ILE A 24 5.27 5.26 5.00
CA ILE A 24 4.15 6.19 4.82
C ILE A 24 3.37 5.93 3.51
N PHE A 25 2.12 6.38 3.45
CA PHE A 25 1.25 6.40 2.27
C PHE A 25 1.87 7.18 1.11
N LYS A 26 1.44 6.89 -0.14
CA LYS A 26 1.70 7.72 -1.31
C LYS A 26 0.44 7.80 -2.18
N SER A 27 -0.06 6.69 -2.72
CA SER A 27 -1.25 6.67 -3.57
C SER A 27 -1.98 5.32 -3.49
N LYS A 28 -3.31 5.31 -3.64
CA LYS A 28 -4.10 4.07 -3.81
C LYS A 28 -5.31 4.37 -4.70
N TYR A 29 -5.85 3.33 -5.35
CA TYR A 29 -7.11 3.37 -6.09
C TYR A 29 -7.69 1.96 -6.16
N TYR A 30 -8.98 1.83 -6.44
CA TYR A 30 -9.61 0.55 -6.69
C TYR A 30 -9.58 0.31 -8.19
N ASP A 31 -8.91 -0.75 -8.63
CA ASP A 31 -8.79 -1.12 -10.04
C ASP A 31 -9.99 -1.98 -10.42
N SER A 32 -11.13 -1.34 -10.68
CA SER A 32 -12.40 -1.99 -10.98
C SER A 32 -12.31 -3.02 -12.11
N SER A 33 -11.36 -2.87 -13.04
CA SER A 33 -11.12 -3.81 -14.12
C SER A 33 -10.68 -5.20 -13.64
N LYS A 34 -10.17 -5.31 -12.40
CA LYS A 34 -9.75 -6.58 -11.78
C LYS A 34 -10.41 -6.78 -10.41
N GLY A 35 -11.01 -5.75 -9.84
CA GLY A 35 -11.81 -5.86 -8.62
C GLY A 35 -10.93 -6.00 -7.39
N TYR A 36 -9.83 -5.23 -7.31
CA TYR A 36 -8.98 -5.17 -6.12
C TYR A 36 -8.41 -3.76 -5.95
N TRP A 37 -7.87 -3.46 -4.77
CA TRP A 37 -7.14 -2.21 -4.56
C TRP A 37 -5.74 -2.36 -5.13
N VAL A 38 -5.17 -1.25 -5.59
CA VAL A 38 -3.84 -1.12 -6.15
C VAL A 38 -3.27 0.16 -5.53
N GLY A 39 -1.96 0.23 -5.32
CA GLY A 39 -1.35 1.44 -4.83
C GLY A 39 0.16 1.48 -5.02
N ILE A 40 0.68 2.69 -4.84
CA ILE A 40 2.09 3.01 -4.77
C ILE A 40 2.24 3.39 -3.30
N TYR A 41 3.09 2.68 -2.56
CA TYR A 41 3.01 2.72 -1.12
C TYR A 41 4.42 2.60 -0.57
N GLU A 42 4.74 3.36 0.47
CA GLU A 42 5.97 3.20 1.22
C GLU A 42 5.61 2.69 2.61
N VAL A 43 4.58 1.84 2.75
CA VAL A 43 4.32 1.11 4.00
C VAL A 43 3.55 -0.20 3.75
N TRP A 44 2.50 -0.18 2.92
CA TRP A 44 1.63 -1.35 2.77
C TRP A 44 2.40 -2.53 2.15
N ASP A 45 1.96 -3.75 2.46
CA ASP A 45 2.67 -5.00 2.20
C ASP A 45 1.67 -6.15 2.04
N ARG A 46 0.51 -5.88 1.42
CA ARG A 46 -0.66 -6.76 1.27
C ARG A 46 -1.39 -7.08 2.58
N LYS A 47 -0.69 -7.18 3.70
CA LYS A 47 -1.26 -7.41 5.02
C LYS A 47 -2.38 -6.40 5.29
N ALA A 1 12.65 2.52 0.15
CA ALA A 1 12.06 2.73 -1.20
C ALA A 1 10.59 2.34 -1.22
N ILE A 2 9.81 2.87 -2.18
CA ILE A 2 8.42 2.46 -2.41
C ILE A 2 8.32 0.99 -2.82
N LYS A 3 7.10 0.45 -2.77
CA LYS A 3 6.69 -0.82 -3.34
C LYS A 3 5.40 -0.55 -4.12
N LEU A 4 5.05 -1.46 -5.03
CA LEU A 4 3.78 -1.46 -5.74
C LEU A 4 3.00 -2.63 -5.18
N VAL A 5 1.72 -2.43 -4.87
CA VAL A 5 0.96 -3.35 -4.03
C VAL A 5 -0.45 -3.47 -4.61
N GLN A 6 -1.08 -4.63 -4.45
CA GLN A 6 -2.48 -4.85 -4.79
C GLN A 6 -3.07 -5.97 -3.94
N SER A 7 -4.29 -5.80 -3.43
CA SER A 7 -5.04 -6.81 -2.70
C SER A 7 -6.52 -6.41 -2.71
N PRO A 8 -7.48 -7.36 -2.60
CA PRO A 8 -8.89 -7.04 -2.66
C PRO A 8 -9.37 -6.26 -1.43
N ASN A 9 -8.73 -6.45 -0.28
CA ASN A 9 -9.14 -5.84 0.99
C ASN A 9 -8.80 -4.35 1.10
N GLY A 10 -7.89 -3.82 0.26
CA GLY A 10 -7.46 -2.43 0.32
C GLY A 10 -7.07 -1.98 1.73
N ASN A 11 -6.31 -2.80 2.45
CA ASN A 11 -5.89 -2.56 3.84
C ASN A 11 -4.94 -1.35 3.95
N PHE A 12 -5.51 -0.14 3.91
CA PHE A 12 -4.81 1.11 4.11
C PHE A 12 -4.09 1.09 5.47
N ALA A 13 -2.79 1.38 5.48
CA ALA A 13 -1.93 1.21 6.65
C ALA A 13 -1.42 2.54 7.26
N ALA A 14 -1.71 3.68 6.61
CA ALA A 14 -1.24 5.04 6.90
C ALA A 14 0.29 5.20 7.00
N SER A 15 0.93 4.63 8.02
CA SER A 15 2.35 4.78 8.29
C SER A 15 2.82 3.73 9.31
N PHE A 16 4.14 3.50 9.38
CA PHE A 16 4.77 2.54 10.27
C PHE A 16 6.25 2.92 10.45
N VAL A 17 6.97 2.23 11.32
CA VAL A 17 8.41 2.37 11.51
C VAL A 17 8.95 0.93 11.61
N LEU A 18 10.03 0.64 10.88
CA LEU A 18 10.62 -0.69 10.78
C LEU A 18 12.12 -0.47 10.60
N ASP A 19 12.92 -1.13 11.44
CA ASP A 19 14.39 -1.02 11.54
C ASP A 19 14.87 0.44 11.53
N GLY A 20 14.16 1.30 12.25
CA GLY A 20 14.49 2.72 12.42
C GLY A 20 14.21 3.57 11.18
N THR A 21 13.68 2.99 10.10
CA THR A 21 13.24 3.72 8.92
C THR A 21 11.74 3.96 9.09
N LYS A 22 11.23 5.14 8.70
CA LYS A 22 9.81 5.46 8.70
C LYS A 22 9.22 5.08 7.34
N TRP A 23 7.93 4.72 7.34
CA TRP A 23 7.20 4.16 6.22
C TRP A 23 5.84 4.86 6.19
N ILE A 24 5.29 5.21 5.01
CA ILE A 24 4.11 6.07 4.88
C ILE A 24 3.32 5.79 3.58
N PHE A 25 2.06 6.21 3.53
CA PHE A 25 1.19 6.21 2.35
C PHE A 25 1.78 7.05 1.20
N LYS A 26 1.36 6.76 -0.04
CA LYS A 26 1.65 7.61 -1.20
C LYS A 26 0.40 7.72 -2.09
N SER A 27 -0.10 6.62 -2.69
CA SER A 27 -1.31 6.65 -3.54
C SER A 27 -2.02 5.29 -3.51
N LYS A 28 -3.35 5.26 -3.68
CA LYS A 28 -4.14 4.04 -3.89
C LYS A 28 -5.33 4.33 -4.79
N TYR A 29 -5.86 3.30 -5.45
CA TYR A 29 -7.08 3.35 -6.26
C TYR A 29 -7.68 1.95 -6.33
N TYR A 30 -8.98 1.84 -6.65
CA TYR A 30 -9.62 0.55 -6.91
C TYR A 30 -9.52 0.29 -8.42
N ASP A 31 -8.92 -0.83 -8.81
CA ASP A 31 -8.76 -1.21 -10.21
C ASP A 31 -9.99 -2.04 -10.59
N SER A 32 -11.10 -1.35 -10.87
CA SER A 32 -12.39 -1.96 -11.18
C SER A 32 -12.32 -3.01 -12.30
N SER A 33 -11.37 -2.89 -13.23
CA SER A 33 -11.15 -3.84 -14.33
C SER A 33 -10.68 -5.22 -13.85
N LYS A 34 -10.13 -5.31 -12.63
CA LYS A 34 -9.61 -6.55 -12.04
C LYS A 34 -10.26 -6.85 -10.68
N GLY A 35 -10.90 -5.87 -10.04
CA GLY A 35 -11.71 -6.09 -8.85
C GLY A 35 -10.87 -6.18 -7.58
N TYR A 36 -9.81 -5.37 -7.46
CA TYR A 36 -9.01 -5.25 -6.24
C TYR A 36 -8.47 -3.82 -6.12
N TRP A 37 -8.02 -3.45 -4.92
CA TRP A 37 -7.28 -2.21 -4.73
C TRP A 37 -5.86 -2.40 -5.24
N VAL A 38 -5.24 -1.30 -5.65
CA VAL A 38 -3.86 -1.21 -6.12
C VAL A 38 -3.31 0.09 -5.53
N GLY A 39 -2.00 0.20 -5.35
CA GLY A 39 -1.39 1.43 -4.87
C GLY A 39 0.11 1.48 -5.08
N ILE A 40 0.63 2.69 -4.95
CA ILE A 40 2.03 3.02 -4.86
C ILE A 40 2.19 3.35 -3.39
N TYR A 41 3.11 2.69 -2.69
CA TYR A 41 3.12 2.74 -1.25
C TYR A 41 4.56 2.79 -0.76
N GLU A 42 4.76 3.36 0.42
CA GLU A 42 6.01 3.31 1.14
C GLU A 42 5.71 2.73 2.54
N VAL A 43 4.72 1.84 2.69
CA VAL A 43 4.50 1.08 3.92
C VAL A 43 3.78 -0.25 3.66
N TRP A 44 2.72 -0.27 2.85
CA TRP A 44 1.89 -1.46 2.71
C TRP A 44 2.69 -2.60 2.09
N ASP A 45 2.36 -3.84 2.47
CA ASP A 45 3.14 -5.03 2.18
C ASP A 45 2.22 -6.22 1.83
N ARG A 46 1.14 -5.92 1.09
CA ARG A 46 0.24 -6.90 0.48
C ARG A 46 -0.42 -7.83 1.51
N LYS A 47 -0.88 -7.27 2.64
CA LYS A 47 -1.63 -7.96 3.67
C LYS A 47 -2.72 -7.00 4.14
N ALA A 1 12.53 2.21 0.01
CA ALA A 1 11.93 2.51 -1.31
C ALA A 1 10.43 2.15 -1.31
N ILE A 2 9.64 2.78 -2.19
CA ILE A 2 8.25 2.40 -2.43
C ILE A 2 8.15 0.93 -2.89
N LYS A 3 7.01 0.32 -2.57
CA LYS A 3 6.53 -0.93 -3.14
C LYS A 3 5.31 -0.58 -4.00
N LEU A 4 4.93 -1.49 -4.87
CA LEU A 4 3.67 -1.45 -5.62
C LEU A 4 2.87 -2.65 -5.12
N VAL A 5 1.58 -2.48 -4.85
CA VAL A 5 0.80 -3.43 -4.08
C VAL A 5 -0.56 -3.58 -4.77
N GLN A 6 -1.14 -4.78 -4.76
CA GLN A 6 -2.40 -5.12 -5.39
C GLN A 6 -3.10 -6.17 -4.51
N SER A 7 -4.16 -5.80 -3.77
CA SER A 7 -4.88 -6.76 -2.92
C SER A 7 -6.34 -6.31 -2.75
N PRO A 8 -7.31 -7.24 -2.69
CA PRO A 8 -8.74 -6.90 -2.53
C PRO A 8 -9.04 -6.01 -1.32
N ASN A 9 -8.33 -6.20 -0.20
CA ASN A 9 -8.67 -5.54 1.06
C ASN A 9 -8.33 -4.05 1.09
N GLY A 10 -7.36 -3.59 0.29
CA GLY A 10 -6.96 -2.18 0.19
C GLY A 10 -6.63 -1.48 1.51
N ASN A 11 -6.18 -2.21 2.53
CA ASN A 11 -5.96 -1.72 3.89
C ASN A 11 -5.11 -0.45 3.90
N PHE A 12 -5.71 0.68 4.29
CA PHE A 12 -5.03 1.95 4.47
C PHE A 12 -4.18 1.88 5.74
N ALA A 13 -2.87 1.69 5.60
CA ALA A 13 -1.93 1.53 6.71
C ALA A 13 -1.49 2.85 7.36
N ALA A 14 -1.74 4.00 6.71
CA ALA A 14 -1.23 5.34 7.00
C ALA A 14 0.31 5.43 7.06
N SER A 15 0.95 4.85 8.08
CA SER A 15 2.39 4.93 8.31
C SER A 15 2.83 3.87 9.33
N PHE A 16 4.14 3.61 9.39
CA PHE A 16 4.78 2.64 10.29
C PHE A 16 6.25 3.02 10.45
N VAL A 17 7.00 2.30 11.29
CA VAL A 17 8.43 2.45 11.45
C VAL A 17 9.00 1.04 11.67
N LEU A 18 10.12 0.73 11.00
CA LEU A 18 10.74 -0.59 10.99
C LEU A 18 12.24 -0.38 10.80
N ASP A 19 13.04 -1.00 11.67
CA ASP A 19 14.51 -0.96 11.68
C ASP A 19 15.07 0.46 11.49
N GLY A 20 14.48 1.43 12.19
CA GLY A 20 14.92 2.82 12.19
C GLY A 20 14.60 3.59 10.91
N THR A 21 13.78 3.01 10.03
CA THR A 21 13.32 3.64 8.79
C THR A 21 11.82 3.88 8.97
N LYS A 22 11.32 5.06 8.59
CA LYS A 22 9.89 5.38 8.63
C LYS A 22 9.28 4.99 7.27
N TRP A 23 7.99 4.67 7.28
CA TRP A 23 7.25 4.11 6.18
C TRP A 23 5.88 4.82 6.16
N ILE A 24 5.33 5.18 4.99
CA ILE A 24 4.19 6.09 4.86
C ILE A 24 3.37 5.83 3.57
N PHE A 25 2.11 6.25 3.57
CA PHE A 25 1.22 6.26 2.40
C PHE A 25 1.78 7.11 1.26
N LYS A 26 1.37 6.80 0.02
CA LYS A 26 1.59 7.65 -1.16
C LYS A 26 0.29 7.75 -1.98
N SER A 27 -0.19 6.65 -2.60
CA SER A 27 -1.41 6.67 -3.42
C SER A 27 -2.11 5.30 -3.41
N LYS A 28 -3.43 5.28 -3.58
CA LYS A 28 -4.22 4.05 -3.79
C LYS A 28 -5.39 4.35 -4.73
N TYR A 29 -5.85 3.34 -5.47
CA TYR A 29 -7.04 3.39 -6.32
C TYR A 29 -7.62 1.98 -6.45
N TYR A 30 -8.91 1.87 -6.79
CA TYR A 30 -9.54 0.58 -7.03
C TYR A 30 -9.43 0.26 -8.52
N ASP A 31 -8.84 -0.88 -8.85
CA ASP A 31 -8.69 -1.31 -10.24
C ASP A 31 -9.86 -2.21 -10.62
N SER A 32 -10.95 -1.58 -11.06
CA SER A 32 -12.16 -2.24 -11.51
C SER A 32 -11.92 -3.25 -12.65
N SER A 33 -10.77 -3.20 -13.34
CA SER A 33 -10.41 -4.15 -14.38
C SER A 33 -10.27 -5.58 -13.82
N LYS A 34 -9.89 -5.72 -12.54
CA LYS A 34 -9.65 -7.00 -11.88
C LYS A 34 -10.36 -7.11 -10.54
N GLY A 35 -10.86 -6.00 -9.98
CA GLY A 35 -11.71 -6.01 -8.80
C GLY A 35 -10.89 -6.11 -7.52
N TYR A 36 -9.80 -5.35 -7.42
CA TYR A 36 -9.02 -5.22 -6.19
C TYR A 36 -8.45 -3.80 -6.09
N TRP A 37 -8.02 -3.40 -4.90
CA TRP A 37 -7.28 -2.16 -4.71
C TRP A 37 -5.86 -2.35 -5.21
N VAL A 38 -5.26 -1.24 -5.64
CA VAL A 38 -3.89 -1.12 -6.10
C VAL A 38 -3.34 0.14 -5.43
N GLY A 39 -2.03 0.22 -5.22
CA GLY A 39 -1.43 1.45 -4.71
C GLY A 39 0.08 1.50 -4.94
N ILE A 40 0.58 2.72 -4.84
CA ILE A 40 1.99 3.06 -4.75
C ILE A 40 2.12 3.36 -3.26
N TYR A 41 2.99 2.65 -2.55
CA TYR A 41 2.95 2.66 -1.10
C TYR A 41 4.36 2.56 -0.58
N GLU A 42 4.69 3.35 0.44
CA GLU A 42 5.97 3.25 1.15
C GLU A 42 5.69 2.66 2.54
N VAL A 43 4.69 1.77 2.69
CA VAL A 43 4.48 1.00 3.92
C VAL A 43 3.70 -0.30 3.68
N TRP A 44 2.62 -0.27 2.88
CA TRP A 44 1.70 -1.40 2.80
C TRP A 44 2.37 -2.64 2.18
N ASP A 45 1.86 -3.81 2.55
CA ASP A 45 2.48 -5.12 2.32
C ASP A 45 1.39 -6.19 2.13
N ARG A 46 0.27 -5.80 1.51
CA ARG A 46 -0.96 -6.60 1.29
C ARG A 46 -1.76 -6.88 2.55
N LYS A 47 -1.12 -6.90 3.72
CA LYS A 47 -1.74 -7.22 5.00
C LYS A 47 -2.89 -6.25 5.28
N ALA A 1 12.64 1.74 -2.30
CA ALA A 1 11.95 2.45 -1.19
C ALA A 1 10.46 2.14 -1.22
N ILE A 2 9.67 2.79 -2.09
CA ILE A 2 8.27 2.43 -2.32
C ILE A 2 8.14 0.97 -2.76
N LYS A 3 6.95 0.42 -2.54
CA LYS A 3 6.49 -0.90 -2.97
C LYS A 3 5.24 -0.66 -3.80
N LEU A 4 4.89 -1.63 -4.65
CA LEU A 4 3.66 -1.61 -5.45
C LEU A 4 2.84 -2.79 -4.95
N VAL A 5 1.54 -2.57 -4.75
CA VAL A 5 0.71 -3.48 -3.95
C VAL A 5 -0.63 -3.65 -4.68
N GLN A 6 -1.18 -4.87 -4.66
CA GLN A 6 -2.40 -5.25 -5.37
C GLN A 6 -3.12 -6.32 -4.53
N SER A 7 -4.18 -5.94 -3.81
CA SER A 7 -4.96 -6.88 -2.99
C SER A 7 -6.40 -6.37 -2.85
N PRO A 8 -7.41 -7.24 -2.71
CA PRO A 8 -8.81 -6.82 -2.62
C PRO A 8 -9.13 -6.07 -1.32
N ASN A 9 -8.40 -6.33 -0.22
CA ASN A 9 -8.70 -5.73 1.09
C ASN A 9 -8.41 -4.23 1.12
N GLY A 10 -7.39 -3.77 0.39
CA GLY A 10 -7.02 -2.36 0.29
C GLY A 10 -6.62 -1.72 1.62
N ASN A 11 -6.04 -2.51 2.54
CA ASN A 11 -5.70 -2.10 3.91
C ASN A 11 -4.89 -0.79 3.94
N PHE A 12 -5.54 0.30 4.36
CA PHE A 12 -4.88 1.59 4.55
C PHE A 12 -4.06 1.53 5.85
N ALA A 13 -2.73 1.39 5.71
CA ALA A 13 -1.81 1.24 6.84
C ALA A 13 -1.41 2.58 7.48
N ALA A 14 -1.72 3.72 6.84
CA ALA A 14 -1.24 5.07 7.11
C ALA A 14 0.30 5.21 7.15
N SER A 15 0.96 4.68 8.18
CA SER A 15 2.39 4.81 8.40
C SER A 15 2.88 3.78 9.42
N PHE A 16 4.20 3.53 9.47
CA PHE A 16 4.85 2.57 10.36
C PHE A 16 6.34 2.96 10.50
N VAL A 17 7.10 2.22 11.31
CA VAL A 17 8.54 2.38 11.47
C VAL A 17 9.12 0.96 11.48
N LEU A 18 10.14 0.71 10.65
CA LEU A 18 10.76 -0.59 10.43
C LEU A 18 12.19 -0.35 9.97
N ASP A 19 13.12 -1.21 10.38
CA ASP A 19 14.55 -1.13 10.05
C ASP A 19 15.12 0.29 10.19
N GLY A 20 14.81 0.94 11.32
CA GLY A 20 15.31 2.26 11.66
C GLY A 20 14.89 3.36 10.68
N THR A 21 13.79 3.14 9.95
CA THR A 21 13.33 4.01 8.87
C THR A 21 11.81 4.20 9.06
N LYS A 22 11.26 5.36 8.67
CA LYS A 22 9.83 5.61 8.70
C LYS A 22 9.22 5.21 7.35
N TRP A 23 7.97 4.80 7.37
CA TRP A 23 7.25 4.20 6.24
C TRP A 23 5.85 4.85 6.23
N ILE A 24 5.28 5.17 5.06
CA ILE A 24 4.12 6.05 4.94
C ILE A 24 3.32 5.79 3.64
N PHE A 25 2.05 6.20 3.60
CA PHE A 25 1.18 6.24 2.42
C PHE A 25 1.79 7.06 1.27
N LYS A 26 1.40 6.75 0.03
CA LYS A 26 1.68 7.57 -1.14
C LYS A 26 0.41 7.68 -2.00
N SER A 27 -0.17 6.58 -2.49
CA SER A 27 -1.43 6.62 -3.24
C SER A 27 -2.12 5.24 -3.30
N LYS A 28 -3.43 5.23 -3.57
CA LYS A 28 -4.22 4.05 -3.88
C LYS A 28 -5.22 4.39 -4.97
N TYR A 29 -5.71 3.38 -5.69
CA TYR A 29 -6.92 3.44 -6.51
C TYR A 29 -7.55 2.05 -6.55
N TYR A 30 -8.83 1.96 -6.86
CA TYR A 30 -9.49 0.68 -7.07
C TYR A 30 -9.40 0.36 -8.57
N ASP A 31 -8.83 -0.78 -8.91
CA ASP A 31 -8.68 -1.22 -10.30
C ASP A 31 -9.82 -2.14 -10.66
N SER A 32 -10.91 -1.54 -11.14
CA SER A 32 -12.11 -2.22 -11.60
C SER A 32 -11.83 -3.25 -12.72
N SER A 33 -10.66 -3.21 -13.37
CA SER A 33 -10.27 -4.20 -14.38
C SER A 33 -10.12 -5.60 -13.76
N LYS A 34 -9.85 -5.70 -12.45
CA LYS A 34 -9.72 -6.96 -11.72
C LYS A 34 -10.56 -6.97 -10.43
N GLY A 35 -11.08 -5.81 -10.00
CA GLY A 35 -11.94 -5.72 -8.84
C GLY A 35 -11.14 -5.84 -7.55
N TYR A 36 -10.00 -5.14 -7.46
CA TYR A 36 -9.18 -5.07 -6.25
C TYR A 36 -8.58 -3.68 -6.08
N TRP A 37 -8.02 -3.39 -4.91
CA TRP A 37 -7.26 -2.16 -4.71
C TRP A 37 -5.85 -2.36 -5.23
N VAL A 38 -5.26 -1.26 -5.69
CA VAL A 38 -3.89 -1.16 -6.16
C VAL A 38 -3.33 0.12 -5.52
N GLY A 39 -2.02 0.19 -5.30
CA GLY A 39 -1.42 1.41 -4.79
C GLY A 39 0.08 1.44 -4.94
N ILE A 40 0.62 2.64 -4.77
CA ILE A 40 2.04 2.91 -4.61
C ILE A 40 2.13 3.26 -3.14
N TYR A 41 3.01 2.60 -2.40
CA TYR A 41 2.97 2.66 -0.95
C TYR A 41 4.40 2.59 -0.44
N GLU A 42 4.74 3.43 0.53
CA GLU A 42 6.02 3.35 1.23
C GLU A 42 5.78 2.74 2.61
N VAL A 43 4.80 1.84 2.76
CA VAL A 43 4.63 1.02 3.98
C VAL A 43 3.90 -0.30 3.68
N TRP A 44 2.76 -0.27 2.99
CA TRP A 44 1.92 -1.46 2.85
C TRP A 44 2.62 -2.51 1.98
N ASP A 45 2.37 -3.79 2.28
CA ASP A 45 3.01 -4.95 1.66
C ASP A 45 2.06 -6.15 1.68
N ARG A 46 0.81 -5.92 1.27
CA ARG A 46 -0.31 -6.89 1.28
C ARG A 46 -0.70 -7.37 2.69
N LYS A 47 -0.18 -6.75 3.75
CA LYS A 47 -0.55 -7.03 5.13
C LYS A 47 -2.06 -6.80 5.28
N ALA A 1 12.66 2.02 -2.02
CA ALA A 1 11.85 2.61 -0.92
C ALA A 1 10.38 2.21 -1.05
N ILE A 2 9.63 2.79 -2.00
CA ILE A 2 8.24 2.40 -2.27
C ILE A 2 8.16 0.92 -2.69
N LYS A 3 6.97 0.38 -2.53
CA LYS A 3 6.51 -0.90 -3.04
C LYS A 3 5.30 -0.62 -3.92
N LEU A 4 4.98 -1.56 -4.80
CA LEU A 4 3.75 -1.58 -5.57
C LEU A 4 2.97 -2.77 -5.04
N VAL A 5 1.68 -2.58 -4.77
CA VAL A 5 0.87 -3.53 -4.02
C VAL A 5 -0.51 -3.59 -4.67
N GLN A 6 -1.17 -4.74 -4.59
CA GLN A 6 -2.54 -4.91 -5.03
C GLN A 6 -3.20 -6.07 -4.27
N SER A 7 -4.45 -5.89 -3.83
CA SER A 7 -5.23 -6.91 -3.14
C SER A 7 -6.67 -6.39 -3.06
N PRO A 8 -7.70 -7.26 -3.04
CA PRO A 8 -9.07 -6.87 -2.67
C PRO A 8 -9.16 -6.15 -1.32
N ASN A 9 -8.22 -6.43 -0.40
CA ASN A 9 -8.24 -5.90 0.96
C ASN A 9 -8.11 -4.37 0.98
N GLY A 10 -7.25 -3.81 0.11
CA GLY A 10 -6.93 -2.38 0.08
C GLY A 10 -6.57 -1.78 1.45
N ASN A 11 -5.91 -2.57 2.31
CA ASN A 11 -5.70 -2.24 3.73
C ASN A 11 -4.90 -0.94 3.88
N PHE A 12 -5.58 0.14 4.26
CA PHE A 12 -4.96 1.44 4.50
C PHE A 12 -4.12 1.39 5.77
N ALA A 13 -2.78 1.39 5.63
CA ALA A 13 -1.85 1.22 6.74
C ALA A 13 -1.41 2.55 7.38
N ALA A 14 -1.72 3.69 6.76
CA ALA A 14 -1.26 5.05 7.07
C ALA A 14 0.28 5.22 7.13
N SER A 15 0.94 4.68 8.14
CA SER A 15 2.38 4.82 8.37
C SER A 15 2.86 3.78 9.38
N PHE A 16 4.18 3.55 9.43
CA PHE A 16 4.85 2.60 10.32
C PHE A 16 6.32 3.03 10.47
N VAL A 17 7.08 2.32 11.29
CA VAL A 17 8.52 2.52 11.45
C VAL A 17 9.14 1.12 11.66
N LEU A 18 10.26 0.85 10.99
CA LEU A 18 10.92 -0.46 10.97
C LEU A 18 12.40 -0.21 10.72
N ASP A 19 13.25 -0.84 11.53
CA ASP A 19 14.71 -0.81 11.46
C ASP A 19 15.28 0.61 11.23
N GLY A 20 14.77 1.57 12.02
CA GLY A 20 15.24 2.94 12.01
C GLY A 20 14.86 3.72 10.75
N THR A 21 13.86 3.24 9.99
CA THR A 21 13.36 3.86 8.77
C THR A 21 11.86 4.06 8.97
N LYS A 22 11.32 5.23 8.59
CA LYS A 22 9.89 5.50 8.64
C LYS A 22 9.26 5.10 7.31
N TRP A 23 7.98 4.75 7.34
CA TRP A 23 7.22 4.18 6.23
C TRP A 23 5.86 4.88 6.23
N ILE A 24 5.29 5.21 5.06
CA ILE A 24 4.13 6.10 4.94
C ILE A 24 3.33 5.83 3.65
N PHE A 25 2.05 6.22 3.65
CA PHE A 25 1.17 6.25 2.49
C PHE A 25 1.73 7.12 1.34
N LYS A 26 1.33 6.82 0.10
CA LYS A 26 1.52 7.72 -1.04
C LYS A 26 0.27 7.72 -1.92
N SER A 27 -0.21 6.58 -2.41
CA SER A 27 -1.48 6.50 -3.15
C SER A 27 -2.05 5.07 -3.17
N LYS A 28 -3.37 4.95 -3.30
CA LYS A 28 -4.04 3.72 -3.72
C LYS A 28 -5.28 4.11 -4.55
N TYR A 29 -5.79 3.17 -5.35
CA TYR A 29 -6.99 3.32 -6.16
C TYR A 29 -7.62 1.94 -6.35
N TYR A 30 -8.89 1.89 -6.76
CA TYR A 30 -9.58 0.64 -7.06
C TYR A 30 -9.49 0.42 -8.57
N ASP A 31 -8.94 -0.71 -9.00
CA ASP A 31 -8.83 -1.08 -10.39
C ASP A 31 -10.00 -1.99 -10.75
N SER A 32 -11.09 -1.38 -11.21
CA SER A 32 -12.30 -2.05 -11.64
C SER A 32 -12.06 -3.07 -12.79
N SER A 33 -10.91 -3.02 -13.47
CA SER A 33 -10.56 -4.01 -14.50
C SER A 33 -10.42 -5.42 -13.91
N LYS A 34 -10.09 -5.53 -12.61
CA LYS A 34 -9.95 -6.80 -11.90
C LYS A 34 -10.73 -6.82 -10.59
N GLY A 35 -11.25 -5.68 -10.12
CA GLY A 35 -12.10 -5.60 -8.95
C GLY A 35 -11.27 -5.75 -7.67
N TYR A 36 -10.15 -5.04 -7.59
CA TYR A 36 -9.27 -5.03 -6.41
C TYR A 36 -8.62 -3.66 -6.25
N TRP A 37 -8.05 -3.38 -5.08
CA TRP A 37 -7.25 -2.18 -4.89
C TRP A 37 -5.85 -2.41 -5.44
N VAL A 38 -5.20 -1.33 -5.84
CA VAL A 38 -3.83 -1.26 -6.34
C VAL A 38 -3.25 0.03 -5.74
N GLY A 39 -1.94 0.11 -5.50
CA GLY A 39 -1.36 1.33 -4.95
C GLY A 39 0.15 1.40 -5.11
N ILE A 40 0.66 2.57 -4.75
CA ILE A 40 2.06 2.96 -4.75
C ILE A 40 2.25 3.41 -3.31
N TYR A 41 3.06 2.69 -2.54
CA TYR A 41 2.97 2.73 -1.09
C TYR A 41 4.38 2.66 -0.54
N GLU A 42 4.68 3.45 0.49
CA GLU A 42 5.95 3.38 1.20
C GLU A 42 5.71 2.76 2.58
N VAL A 43 4.72 1.86 2.74
CA VAL A 43 4.52 1.09 3.96
C VAL A 43 3.80 -0.24 3.69
N TRP A 44 2.72 -0.25 2.89
CA TRP A 44 1.87 -1.43 2.78
C TRP A 44 2.64 -2.59 2.11
N ASP A 45 2.20 -3.81 2.42
CA ASP A 45 2.94 -5.05 2.15
C ASP A 45 1.94 -6.20 1.91
N ARG A 46 0.76 -5.89 1.35
CA ARG A 46 -0.40 -6.77 1.10
C ARG A 46 -1.10 -7.25 2.38
N LYS A 47 -0.41 -7.29 3.52
CA LYS A 47 -0.98 -7.71 4.80
C LYS A 47 -2.20 -6.87 5.14
#